data_4KE9
#
_entry.id   4KE9
#
_cell.length_a   76.857
_cell.length_b   80.287
_cell.length_c   85.712
_cell.angle_alpha   90.00
_cell.angle_beta   100.02
_cell.angle_gamma   90.00
#
_symmetry.space_group_name_H-M   'P 1 21 1'
#
loop_
_entity.id
_entity.type
_entity.pdbx_description
1 polymer 'Thermostable monoacylglycerol lipase'
2 non-polymer 'hexadecyl hydrogen (R)-(3-azidopropyl)phosphonate'
3 water water
#
_entity_poly.entity_id   1
_entity_poly.type   'polypeptide(L)'
_entity_poly.pdbx_seq_one_letter_code
;MGSSHHHHHHSSGLVPRGSHEQYPVLSGAEPFYAENGPVGVLLVHGFTGTPHSMRPLAEAYAKAGYTVCLPRLKGHGTHY
EDMERTTFHDWVASVEEGYGWLKQRCQTIFVTGLSMGGTLTLYLAEHHPDICGIVPINAAVDIPAIAAGMTGGGELPRYL
DSIGSDLKNPDVKELAYEKTPTASLLQLARLMAQTKAKLDRIVCPALIFVSDEDHVVPPGNADIIFQGISSTEKEIVRLR
NSYHVATLDYDQPMIIERSLEFFAKHAG
;
_entity_poly.pdbx_strand_id   A,B,C,D
#
# COMPACT_ATOMS: atom_id res chain seq x y z
N GLU A 21 28.27 -15.03 3.42
CA GLU A 21 27.52 -15.83 2.45
C GLU A 21 28.16 -17.19 2.29
N GLN A 22 27.47 -18.24 2.71
CA GLN A 22 28.11 -19.54 2.99
C GLN A 22 27.95 -20.69 2.00
N TYR A 23 27.09 -20.50 1.02
CA TYR A 23 26.76 -21.51 0.01
C TYR A 23 27.44 -21.20 -1.33
N PRO A 24 27.73 -22.26 -2.12
CA PRO A 24 28.35 -22.06 -3.43
C PRO A 24 27.37 -21.45 -4.43
N VAL A 25 27.89 -20.62 -5.34
CA VAL A 25 27.09 -20.02 -6.39
C VAL A 25 26.63 -21.11 -7.36
N LEU A 26 25.33 -21.15 -7.63
CA LEU A 26 24.77 -22.15 -8.54
C LEU A 26 25.35 -22.01 -9.94
N SER A 27 25.32 -23.11 -10.69
CA SER A 27 25.77 -23.10 -12.07
C SER A 27 24.86 -22.21 -12.91
N GLY A 28 25.45 -21.17 -13.50
CA GLY A 28 24.69 -20.23 -14.31
C GLY A 28 24.32 -18.98 -13.54
N ALA A 29 24.76 -18.90 -12.29
CA ALA A 29 24.46 -17.75 -11.45
C ALA A 29 25.71 -16.87 -11.24
N GLU A 30 26.78 -17.20 -11.95
CA GLU A 30 28.01 -16.42 -11.85
C GLU A 30 27.84 -15.04 -12.49
N PRO A 31 28.55 -14.04 -11.97
CA PRO A 31 28.53 -12.71 -12.58
C PRO A 31 29.19 -12.73 -13.96
N PHE A 32 28.87 -11.75 -14.80
CA PHE A 32 29.42 -11.70 -16.14
C PHE A 32 29.98 -10.33 -16.49
N TYR A 33 31.24 -10.26 -16.87
CA TYR A 33 31.83 -9.00 -17.32
C TYR A 33 32.31 -9.08 -18.77
N ALA A 34 32.45 -7.91 -19.39
CA ALA A 34 32.99 -7.82 -20.75
C ALA A 34 33.51 -6.42 -21.01
N GLU A 35 34.80 -6.32 -21.27
CA GLU A 35 35.40 -5.01 -21.53
C GLU A 35 35.58 -4.81 -23.03
N ASN A 36 34.66 -4.08 -23.63
CA ASN A 36 34.75 -3.80 -25.06
C ASN A 36 34.87 -2.31 -25.34
N GLY A 37 33.83 -1.74 -25.94
CA GLY A 37 33.84 -0.34 -26.31
C GLY A 37 33.71 0.61 -25.13
N PRO A 38 33.77 1.92 -25.39
CA PRO A 38 33.70 2.97 -24.37
C PRO A 38 32.27 3.22 -23.87
N VAL A 39 31.30 2.49 -24.40
CA VAL A 39 29.92 2.60 -23.93
C VAL A 39 29.57 1.38 -23.10
N GLY A 40 29.04 1.61 -21.90
CA GLY A 40 28.78 0.53 -20.96
C GLY A 40 27.33 0.28 -20.64
N VAL A 41 26.99 -0.99 -20.40
CA VAL A 41 25.64 -1.37 -20.02
C VAL A 41 25.64 -2.20 -18.73
N LEU A 42 24.96 -1.70 -17.72
CA LEU A 42 24.83 -2.43 -16.46
C LEU A 42 23.51 -3.19 -16.43
N LEU A 43 23.59 -4.50 -16.23
CA LEU A 43 22.40 -5.34 -16.21
C LEU A 43 22.15 -5.87 -14.79
N VAL A 44 20.95 -5.62 -14.29
CA VAL A 44 20.61 -6.04 -12.93
C VAL A 44 19.49 -7.08 -12.93
N HIS A 45 19.76 -8.24 -12.34
CA HIS A 45 18.76 -9.30 -12.25
C HIS A 45 17.79 -9.03 -11.11
N GLY A 46 16.82 -9.92 -10.93
CA GLY A 46 15.72 -9.68 -10.01
C GLY A 46 15.80 -10.33 -8.64
N PHE A 47 14.76 -10.08 -7.86
CA PHE A 47 14.61 -10.58 -6.50
C PHE A 47 14.53 -12.10 -6.47
N THR A 48 15.39 -12.71 -5.64
CA THR A 48 15.55 -14.17 -5.56
C THR A 48 16.12 -14.79 -6.84
N GLY A 49 16.28 -13.98 -7.88
CA GLY A 49 16.77 -14.46 -9.16
C GLY A 49 18.28 -14.47 -9.24
N THR A 50 18.79 -14.73 -10.44
CA THR A 50 20.22 -14.84 -10.69
C THR A 50 20.55 -14.11 -11.98
N PRO A 51 21.85 -13.83 -12.23
CA PRO A 51 22.29 -13.25 -13.51
C PRO A 51 21.88 -14.08 -14.73
N HIS A 52 21.43 -15.31 -14.50
CA HIS A 52 20.99 -16.20 -15.57
C HIS A 52 19.89 -15.59 -16.44
N SER A 53 19.04 -14.77 -15.83
CA SER A 53 17.92 -14.16 -16.55
C SER A 53 18.39 -13.00 -17.44
N MET A 54 19.54 -12.42 -17.13
CA MET A 54 20.07 -11.28 -17.87
C MET A 54 21.19 -11.67 -18.84
N ARG A 55 21.62 -12.93 -18.76
CA ARG A 55 22.76 -13.41 -19.53
C ARG A 55 22.64 -13.29 -21.06
N PRO A 56 21.51 -13.72 -21.65
CA PRO A 56 21.40 -13.58 -23.11
C PRO A 56 21.45 -12.12 -23.58
N LEU A 57 20.95 -11.22 -22.75
CA LEU A 57 21.00 -9.79 -23.07
C LEU A 57 22.44 -9.30 -23.00
N ALA A 58 23.14 -9.68 -21.94
CA ALA A 58 24.52 -9.26 -21.73
C ALA A 58 25.43 -9.70 -22.87
N GLU A 59 25.21 -10.91 -23.36
CA GLU A 59 26.01 -11.45 -24.46
C GLU A 59 25.71 -10.72 -25.78
N ALA A 60 24.44 -10.42 -26.00
CA ALA A 60 24.02 -9.71 -27.20
C ALA A 60 24.58 -8.29 -27.22
N TYR A 61 24.63 -7.68 -26.04
CA TYR A 61 25.15 -6.32 -25.91
C TYR A 61 26.68 -6.34 -26.02
N ALA A 62 27.29 -7.39 -25.50
CA ALA A 62 28.74 -7.55 -25.55
C ALA A 62 29.22 -7.78 -26.98
N LYS A 63 28.46 -8.55 -27.75
CA LYS A 63 28.80 -8.83 -29.14
C LYS A 63 28.68 -7.57 -29.98
N ALA A 64 27.75 -6.70 -29.60
CA ALA A 64 27.52 -5.45 -30.33
C ALA A 64 28.63 -4.43 -30.09
N GLY A 65 29.54 -4.76 -29.18
CA GLY A 65 30.69 -3.90 -28.91
C GLY A 65 30.57 -3.11 -27.62
N TYR A 66 29.52 -3.39 -26.84
CA TYR A 66 29.31 -2.69 -25.58
C TYR A 66 30.05 -3.37 -24.44
N THR A 67 30.57 -2.57 -23.52
CA THR A 67 31.13 -3.09 -22.28
C THR A 67 29.97 -3.39 -21.33
N VAL A 68 29.86 -4.63 -20.87
CA VAL A 68 28.74 -5.00 -20.02
C VAL A 68 29.17 -5.46 -18.63
N CYS A 69 28.34 -5.16 -17.64
CA CYS A 69 28.55 -5.65 -16.29
C CYS A 69 27.28 -6.29 -15.78
N LEU A 70 27.32 -7.60 -15.62
CA LEU A 70 26.20 -8.36 -15.08
C LEU A 70 26.58 -8.93 -13.72
N PRO A 71 26.37 -8.14 -12.65
CA PRO A 71 26.76 -8.56 -11.30
C PRO A 71 25.77 -9.53 -10.70
N ARG A 72 26.23 -10.32 -9.74
CA ARG A 72 25.37 -11.18 -8.95
C ARG A 72 25.03 -10.48 -7.65
N LEU A 73 23.77 -10.10 -7.50
CA LEU A 73 23.30 -9.41 -6.29
C LEU A 73 23.67 -10.21 -5.04
N LYS A 74 24.06 -9.49 -3.99
CA LYS A 74 24.47 -10.13 -2.74
C LYS A 74 23.35 -10.99 -2.17
N GLY A 75 23.70 -12.23 -1.79
CA GLY A 75 22.74 -13.16 -1.23
C GLY A 75 21.98 -13.94 -2.28
N HIS A 76 22.22 -13.62 -3.55
CA HIS A 76 21.53 -14.30 -4.64
C HIS A 76 22.43 -15.32 -5.33
N GLY A 77 21.82 -16.32 -5.95
CA GLY A 77 22.54 -17.33 -6.71
C GLY A 77 23.17 -18.42 -5.86
N THR A 78 22.91 -18.39 -4.56
CA THR A 78 23.47 -19.38 -3.65
C THR A 78 22.37 -20.17 -2.94
N HIS A 79 21.87 -19.62 -1.85
CA HIS A 79 20.82 -20.25 -1.06
C HIS A 79 19.98 -19.16 -0.41
N TYR A 80 18.69 -19.42 -0.22
CA TYR A 80 17.78 -18.39 0.31
C TYR A 80 18.13 -18.00 1.74
N GLU A 81 18.83 -18.88 2.45
CA GLU A 81 19.27 -18.58 3.81
C GLU A 81 20.39 -17.55 3.79
N ASP A 82 21.11 -17.46 2.68
CA ASP A 82 22.13 -16.44 2.51
C ASP A 82 21.51 -15.08 2.23
N MET A 83 20.41 -15.07 1.48
CA MET A 83 19.71 -13.83 1.15
C MET A 83 19.04 -13.20 2.36
N GLU A 84 18.62 -14.05 3.31
CA GLU A 84 17.91 -13.59 4.50
C GLU A 84 18.73 -12.58 5.31
N ARG A 85 20.05 -12.73 5.27
CA ARG A 85 20.93 -11.85 6.02
C ARG A 85 21.12 -10.48 5.38
N THR A 86 20.76 -10.37 4.10
CA THR A 86 21.01 -9.15 3.34
C THR A 86 19.89 -8.13 3.41
N THR A 87 20.27 -6.86 3.40
CA THR A 87 19.32 -5.76 3.30
C THR A 87 19.30 -5.28 1.84
N PHE A 88 18.46 -4.31 1.53
CA PHE A 88 18.45 -3.79 0.16
C PHE A 88 19.67 -2.91 -0.08
N HIS A 89 20.25 -2.39 1.00
CA HIS A 89 21.48 -1.61 0.93
C HIS A 89 22.61 -2.48 0.40
N ASP A 90 22.53 -3.79 0.67
CA ASP A 90 23.50 -4.74 0.16
C ASP A 90 23.30 -4.95 -1.34
N TRP A 91 22.04 -5.06 -1.75
CA TRP A 91 21.71 -5.24 -3.17
C TRP A 91 22.11 -3.99 -3.95
N VAL A 92 21.90 -2.83 -3.35
CA VAL A 92 22.32 -1.56 -3.94
C VAL A 92 23.84 -1.53 -4.07
N ALA A 93 24.53 -1.94 -3.01
CA ALA A 93 25.99 -1.97 -3.00
C ALA A 93 26.54 -2.88 -4.09
N SER A 94 25.84 -3.98 -4.34
CA SER A 94 26.23 -4.90 -5.40
C SER A 94 26.12 -4.23 -6.76
N VAL A 95 25.12 -3.37 -6.92
CA VAL A 95 24.88 -2.66 -8.17
C VAL A 95 25.78 -1.43 -8.29
N GLU A 96 25.97 -0.72 -7.18
CA GLU A 96 26.86 0.43 -7.15
C GLU A 96 28.30 0.01 -7.47
N GLU A 97 28.64 -1.21 -7.10
CA GLU A 97 29.95 -1.77 -7.41
C GLU A 97 30.09 -2.05 -8.91
N GLY A 98 29.04 -2.60 -9.50
CA GLY A 98 29.01 -2.85 -10.93
C GLY A 98 29.07 -1.55 -11.71
N TYR A 99 28.37 -0.54 -11.20
CA TYR A 99 28.37 0.78 -11.81
C TYR A 99 29.75 1.42 -11.74
N GLY A 100 30.43 1.23 -10.62
CA GLY A 100 31.77 1.75 -10.43
C GLY A 100 32.77 1.05 -11.33
N TRP A 101 32.54 -0.23 -11.59
CA TRP A 101 33.39 -1.01 -12.47
C TRP A 101 33.28 -0.48 -13.90
N LEU A 102 32.06 -0.13 -14.29
CA LEU A 102 31.81 0.43 -15.61
C LEU A 102 32.30 1.87 -15.72
N LYS A 103 32.26 2.59 -14.60
CA LYS A 103 32.66 4.00 -14.59
C LYS A 103 34.17 4.19 -14.78
N GLN A 104 34.92 3.11 -14.65
CA GLN A 104 36.38 3.18 -14.75
C GLN A 104 36.90 2.85 -16.14
N ARG A 105 35.99 2.57 -17.07
CA ARG A 105 36.39 2.23 -18.43
C ARG A 105 35.32 2.58 -19.47
N CYS A 106 34.37 3.42 -19.06
CA CYS A 106 33.34 3.92 -19.96
C CYS A 106 33.04 5.38 -19.63
N GLN A 107 32.58 6.14 -20.62
CA GLN A 107 32.18 7.51 -20.40
C GLN A 107 30.67 7.66 -20.52
N THR A 108 30.04 6.65 -21.10
CA THR A 108 28.59 6.61 -21.25
C THR A 108 28.04 5.29 -20.69
N ILE A 109 27.12 5.38 -19.73
CA ILE A 109 26.60 4.19 -19.08
C ILE A 109 25.08 4.08 -19.16
N PHE A 110 24.60 2.95 -19.67
CA PHE A 110 23.19 2.62 -19.63
C PHE A 110 22.95 1.57 -18.55
N VAL A 111 21.78 1.62 -17.92
CA VAL A 111 21.43 0.62 -16.93
C VAL A 111 20.11 -0.06 -17.33
N THR A 112 20.10 -1.38 -17.29
CA THR A 112 18.88 -2.14 -17.59
C THR A 112 18.67 -3.20 -16.51
N GLY A 113 17.41 -3.55 -16.26
CA GLY A 113 17.10 -4.49 -15.21
C GLY A 113 15.71 -5.09 -15.27
N LEU A 114 15.60 -6.33 -14.80
CA LEU A 114 14.33 -7.04 -14.76
C LEU A 114 13.78 -7.06 -13.34
N SER A 115 12.49 -6.74 -13.21
CA SER A 115 11.78 -6.79 -11.94
C SER A 115 12.42 -5.88 -10.90
N MET A 116 12.98 -6.46 -9.84
CA MET A 116 13.70 -5.69 -8.84
C MET A 116 14.95 -5.08 -9.46
N GLY A 117 15.49 -5.76 -10.46
CA GLY A 117 16.58 -5.23 -11.24
C GLY A 117 16.16 -3.92 -11.88
N GLY A 118 14.88 -3.85 -12.27
CA GLY A 118 14.31 -2.63 -12.79
C GLY A 118 14.14 -1.59 -11.70
N THR A 119 13.83 -2.06 -10.48
CA THR A 119 13.69 -1.17 -9.34
C THR A 119 15.05 -0.54 -9.01
N LEU A 120 16.08 -1.38 -9.02
CA LEU A 120 17.44 -0.91 -8.73
C LEU A 120 17.98 -0.07 -9.89
N THR A 121 17.44 -0.28 -11.07
CA THR A 121 17.77 0.56 -12.22
C THR A 121 17.29 1.98 -11.97
N LEU A 122 16.04 2.11 -11.56
CA LEU A 122 15.45 3.40 -11.24
C LEU A 122 16.14 4.03 -10.05
N TYR A 123 16.43 3.22 -9.03
CA TYR A 123 17.11 3.68 -7.82
C TYR A 123 18.44 4.34 -8.15
N LEU A 124 19.22 3.68 -8.99
CA LEU A 124 20.52 4.19 -9.40
C LEU A 124 20.40 5.55 -10.12
N ALA A 125 19.46 5.64 -11.05
CA ALA A 125 19.27 6.85 -11.84
C ALA A 125 18.84 8.03 -10.98
N GLU A 126 18.26 7.73 -9.82
CA GLU A 126 17.83 8.76 -8.89
C GLU A 126 19.02 9.35 -8.12
N HIS A 127 20.14 8.65 -8.15
CA HIS A 127 21.34 9.10 -7.45
C HIS A 127 22.43 9.53 -8.41
N HIS A 128 22.39 9.03 -9.64
CA HIS A 128 23.42 9.31 -10.62
C HIS A 128 22.85 9.86 -11.93
N PRO A 129 22.89 11.19 -12.09
CA PRO A 129 22.39 11.87 -13.29
C PRO A 129 23.26 11.60 -14.53
N ASP A 130 24.45 11.06 -14.33
CA ASP A 130 25.35 10.78 -15.43
C ASP A 130 24.91 9.57 -16.25
N ILE A 131 23.90 8.86 -15.75
CA ILE A 131 23.33 7.74 -16.48
C ILE A 131 22.71 8.22 -17.79
N CYS A 132 23.21 7.70 -18.90
CA CYS A 132 22.78 8.16 -20.22
C CYS A 132 21.34 7.74 -20.53
N GLY A 133 20.94 6.61 -19.98
CA GLY A 133 19.59 6.09 -20.20
C GLY A 133 19.32 4.83 -19.41
N ILE A 134 18.05 4.56 -19.16
CA ILE A 134 17.66 3.37 -18.41
C ILE A 134 16.65 2.53 -19.18
N VAL A 135 16.76 1.21 -19.06
CA VAL A 135 15.84 0.29 -19.69
C VAL A 135 15.27 -0.68 -18.65
N PRO A 136 14.29 -0.22 -17.87
CA PRO A 136 13.65 -1.12 -16.90
C PRO A 136 12.72 -2.10 -17.60
N ILE A 137 12.73 -3.34 -17.16
CA ILE A 137 11.89 -4.38 -17.74
C ILE A 137 11.00 -5.01 -16.67
N ASN A 138 9.70 -4.77 -16.77
CA ASN A 138 8.75 -5.21 -15.76
C ASN A 138 9.19 -4.77 -14.36
N ALA A 139 9.66 -3.53 -14.26
CA ALA A 139 10.16 -2.98 -13.00
C ALA A 139 9.06 -2.87 -11.96
N ALA A 140 9.41 -3.14 -10.71
CA ALA A 140 8.45 -3.10 -9.61
C ALA A 140 8.68 -1.91 -8.69
N VAL A 141 7.63 -1.14 -8.46
CA VAL A 141 7.67 -0.05 -7.49
C VAL A 141 6.46 -0.14 -6.56
N ASP A 142 5.55 -1.05 -6.89
CA ASP A 142 4.34 -1.25 -6.10
C ASP A 142 3.78 -2.65 -6.28
N ILE A 143 3.95 -3.48 -5.26
CA ILE A 143 3.43 -4.85 -5.28
C ILE A 143 2.45 -5.05 -4.13
N PRO A 144 1.15 -4.85 -4.40
CA PRO A 144 0.07 -4.95 -3.41
C PRO A 144 0.00 -6.33 -2.76
N ALA A 145 0.54 -7.34 -3.43
CA ALA A 145 0.52 -8.71 -2.92
C ALA A 145 1.30 -8.85 -1.61
N ILE A 146 2.36 -8.06 -1.46
CA ILE A 146 3.18 -8.08 -0.26
C ILE A 146 2.39 -7.60 0.96
N ALA A 147 1.72 -6.46 0.82
CA ALA A 147 0.92 -5.89 1.89
C ALA A 147 -0.27 -6.79 2.23
N ALA A 148 -0.79 -7.46 1.21
CA ALA A 148 -1.93 -8.36 1.38
C ALA A 148 -1.55 -9.58 2.21
N GLY A 149 -0.28 -9.98 2.09
CA GLY A 149 0.21 -11.16 2.78
C GLY A 149 0.36 -10.98 4.28
N MET A 150 0.72 -9.77 4.71
CA MET A 150 0.97 -9.50 6.12
C MET A 150 -0.21 -8.83 6.82
N THR A 151 -1.36 -8.81 6.15
CA THR A 151 -2.59 -8.32 6.77
C THR A 151 -3.62 -9.45 6.81
N GLY A 152 -3.18 -10.65 6.44
CA GLY A 152 -4.07 -11.81 6.42
C GLY A 152 -4.50 -12.28 7.79
N GLY A 153 -3.74 -11.90 8.81
CA GLY A 153 -4.05 -12.27 10.18
C GLY A 153 -3.36 -13.55 10.61
N GLY A 154 -3.22 -14.49 9.69
CA GLY A 154 -2.60 -15.77 9.98
C GLY A 154 -1.12 -15.65 10.31
N GLU A 155 -0.56 -16.73 10.85
CA GLU A 155 0.85 -16.76 11.19
C GLU A 155 1.72 -16.62 9.94
N LEU A 156 2.80 -15.86 10.07
CA LEU A 156 3.68 -15.59 8.93
C LEU A 156 5.03 -16.29 9.11
N PRO A 157 5.29 -17.33 8.30
CA PRO A 157 6.51 -18.13 8.43
C PRO A 157 7.77 -17.33 8.16
N ARG A 158 8.91 -17.84 8.63
CA ARG A 158 10.20 -17.20 8.42
C ARG A 158 10.58 -17.25 6.95
N TYR A 159 10.26 -18.38 6.31
CA TYR A 159 10.48 -18.54 4.88
C TYR A 159 9.18 -18.91 4.19
N LEU A 160 8.83 -18.16 3.15
CA LEU A 160 7.62 -18.43 2.39
C LEU A 160 7.95 -19.15 1.10
N ASP A 161 7.05 -20.03 0.67
CA ASP A 161 7.24 -20.72 -0.60
C ASP A 161 7.16 -19.70 -1.73
N SER A 162 8.17 -19.71 -2.59
CA SER A 162 8.27 -18.72 -3.66
C SER A 162 7.13 -18.82 -4.66
N ILE A 163 6.81 -17.69 -5.29
CA ILE A 163 5.80 -17.66 -6.33
C ILE A 163 6.33 -18.39 -7.55
N GLY A 164 5.49 -19.23 -8.16
CA GLY A 164 5.88 -20.01 -9.32
C GLY A 164 6.43 -19.17 -10.45
N SER A 165 7.32 -19.75 -11.25
CA SER A 165 7.95 -19.05 -12.35
C SER A 165 6.91 -18.54 -13.34
N ASP A 166 7.07 -17.29 -13.76
CA ASP A 166 6.13 -16.67 -14.69
C ASP A 166 6.74 -16.53 -16.07
N LEU A 167 6.70 -17.61 -16.84
CA LEU A 167 7.25 -17.66 -18.19
C LEU A 167 6.27 -18.29 -19.17
N LYS A 168 6.07 -17.64 -20.30
CA LYS A 168 5.15 -18.16 -21.31
C LYS A 168 5.76 -19.35 -22.04
N ASN A 169 7.03 -19.21 -22.41
CA ASN A 169 7.79 -20.32 -23.01
C ASN A 169 7.96 -21.43 -21.98
N PRO A 170 7.37 -22.61 -22.27
CA PRO A 170 7.43 -23.73 -21.33
C PRO A 170 8.79 -24.44 -21.35
N ASP A 171 9.56 -24.22 -22.41
CA ASP A 171 10.85 -24.89 -22.56
C ASP A 171 11.96 -24.18 -21.77
N VAL A 172 11.64 -23.01 -21.22
CA VAL A 172 12.61 -22.24 -20.47
C VAL A 172 12.40 -22.41 -18.96
N LYS A 173 13.49 -22.67 -18.24
CA LYS A 173 13.43 -22.81 -16.79
C LYS A 173 14.24 -21.71 -16.12
N GLU A 174 13.64 -21.05 -15.12
CA GLU A 174 14.30 -19.95 -14.44
C GLU A 174 15.14 -20.44 -13.26
N LEU A 175 16.23 -19.73 -13.00
CA LEU A 175 17.09 -20.03 -11.86
C LEU A 175 16.76 -19.11 -10.69
N ALA A 176 15.85 -19.58 -9.83
CA ALA A 176 15.41 -18.79 -8.68
C ALA A 176 15.18 -19.66 -7.45
N TYR A 177 15.27 -19.06 -6.27
CA TYR A 177 15.11 -19.77 -5.00
C TYR A 177 13.72 -20.39 -4.87
N GLU A 178 13.67 -21.57 -4.25
CA GLU A 178 12.41 -22.25 -4.00
C GLU A 178 11.68 -21.60 -2.83
N LYS A 179 12.42 -20.90 -1.98
CA LYS A 179 11.84 -20.23 -0.83
C LYS A 179 12.21 -18.75 -0.81
N THR A 180 11.36 -17.94 -0.20
CA THR A 180 11.62 -16.51 -0.07
C THR A 180 11.48 -16.07 1.38
N PRO A 181 12.60 -15.63 1.99
CA PRO A 181 12.62 -15.14 3.37
C PRO A 181 11.69 -13.96 3.57
N THR A 182 10.93 -13.98 4.66
CA THR A 182 10.02 -12.89 4.99
C THR A 182 10.78 -11.58 5.17
N ALA A 183 11.94 -11.67 5.80
CA ALA A 183 12.79 -10.51 6.02
C ALA A 183 13.22 -9.85 4.71
N SER A 184 13.41 -10.67 3.68
CA SER A 184 13.81 -10.17 2.37
C SER A 184 12.66 -9.46 1.66
N LEU A 185 11.44 -9.98 1.84
CA LEU A 185 10.26 -9.35 1.26
C LEU A 185 10.03 -7.96 1.84
N LEU A 186 10.28 -7.83 3.14
CA LEU A 186 10.15 -6.55 3.81
C LEU A 186 11.21 -5.58 3.32
N GLN A 187 12.41 -6.10 3.06
CA GLN A 187 13.49 -5.30 2.51
C GLN A 187 13.15 -4.81 1.10
N LEU A 188 12.50 -5.67 0.33
CA LEU A 188 12.09 -5.32 -1.02
C LEU A 188 11.04 -4.21 -1.02
N ALA A 189 10.08 -4.31 -0.09
CA ALA A 189 9.01 -3.32 0.02
C ALA A 189 9.57 -1.95 0.36
N ARG A 190 10.57 -1.92 1.23
CA ARG A 190 11.20 -0.67 1.63
C ARG A 190 11.98 -0.05 0.48
N LEU A 191 12.62 -0.89 -0.32
CA LEU A 191 13.34 -0.43 -1.50
C LEU A 191 12.38 0.19 -2.50
N MET A 192 11.27 -0.50 -2.77
CA MET A 192 10.27 -0.02 -3.70
C MET A 192 9.62 1.28 -3.23
N ALA A 193 9.48 1.43 -1.92
CA ALA A 193 8.89 2.63 -1.34
C ALA A 193 9.79 3.85 -1.55
N GLN A 194 11.07 3.69 -1.24
CA GLN A 194 12.04 4.78 -1.39
C GLN A 194 12.29 5.08 -2.86
N THR A 195 12.16 4.06 -3.71
CA THR A 195 12.34 4.23 -5.14
C THR A 195 11.16 4.99 -5.75
N LYS A 196 9.94 4.61 -5.36
CA LYS A 196 8.75 5.23 -5.93
C LYS A 196 8.63 6.70 -5.55
N ALA A 197 9.07 7.05 -4.35
CA ALA A 197 8.97 8.42 -3.85
C ALA A 197 9.98 9.36 -4.52
N LYS A 198 11.04 8.79 -5.08
CA LYS A 198 12.11 9.58 -5.67
C LYS A 198 12.13 9.52 -7.20
N LEU A 199 11.03 9.06 -7.79
CA LEU A 199 10.95 8.88 -9.23
C LEU A 199 11.16 10.17 -10.03
N ASP A 200 10.76 11.31 -9.45
CA ASP A 200 10.80 12.59 -10.15
C ASP A 200 12.22 13.13 -10.34
N ARG A 201 13.20 12.44 -9.78
CA ARG A 201 14.59 12.89 -9.86
C ARG A 201 15.30 12.20 -11.03
N ILE A 202 14.56 11.35 -11.73
CA ILE A 202 15.06 10.71 -12.95
C ILE A 202 14.71 11.57 -14.15
N VAL A 203 15.73 12.05 -14.86
CA VAL A 203 15.52 12.91 -16.02
C VAL A 203 16.11 12.29 -17.28
N CYS A 204 16.89 11.21 -17.11
CA CYS A 204 17.54 10.56 -18.23
C CYS A 204 16.53 9.78 -19.09
N PRO A 205 16.81 9.64 -20.38
CA PRO A 205 16.02 8.84 -21.32
C PRO A 205 15.63 7.49 -20.74
N ALA A 206 14.40 7.06 -20.96
CA ALA A 206 13.91 5.82 -20.39
C ALA A 206 13.15 4.96 -21.41
N LEU A 207 13.52 3.69 -21.49
CA LEU A 207 12.79 2.74 -22.32
C LEU A 207 12.15 1.68 -21.43
N ILE A 208 10.85 1.82 -21.21
CA ILE A 208 10.14 0.95 -20.28
C ILE A 208 9.48 -0.23 -20.98
N PHE A 209 9.93 -1.43 -20.63
CA PHE A 209 9.30 -2.65 -21.13
C PHE A 209 8.31 -3.18 -20.09
N VAL A 210 7.16 -3.64 -20.55
CA VAL A 210 6.16 -4.22 -19.66
C VAL A 210 5.35 -5.32 -20.35
N SER A 211 5.29 -6.48 -19.73
CA SER A 211 4.49 -7.58 -20.24
C SER A 211 3.02 -7.35 -19.90
N ASP A 212 2.15 -7.54 -20.88
CA ASP A 212 0.72 -7.37 -20.67
C ASP A 212 0.20 -8.37 -19.65
N GLU A 213 0.69 -9.61 -19.73
CA GLU A 213 0.27 -10.64 -18.79
C GLU A 213 1.36 -10.98 -17.79
N ASP A 214 1.72 -10.00 -16.96
CA ASP A 214 2.68 -10.22 -15.89
C ASP A 214 1.92 -10.64 -14.64
N HIS A 215 2.18 -11.86 -14.17
CA HIS A 215 1.45 -12.42 -13.03
C HIS A 215 2.22 -12.25 -11.72
N VAL A 216 3.31 -11.49 -11.76
CA VAL A 216 4.11 -11.24 -10.58
C VAL A 216 4.12 -9.75 -10.23
N VAL A 217 4.53 -8.94 -11.19
CA VAL A 217 4.50 -7.49 -11.03
C VAL A 217 3.39 -6.89 -11.88
N PRO A 218 2.36 -6.33 -11.23
CA PRO A 218 1.22 -5.71 -11.90
C PRO A 218 1.66 -4.72 -12.99
N PRO A 219 1.16 -4.91 -14.22
CA PRO A 219 1.51 -4.11 -15.40
C PRO A 219 1.30 -2.62 -15.21
N GLY A 220 0.52 -2.23 -14.21
CA GLY A 220 0.28 -0.83 -13.92
C GLY A 220 1.51 -0.11 -13.40
N ASN A 221 2.50 -0.88 -12.96
CA ASN A 221 3.75 -0.30 -12.47
C ASN A 221 4.46 0.54 -13.53
N ALA A 222 4.33 0.12 -14.79
CA ALA A 222 4.92 0.86 -15.91
C ALA A 222 4.31 2.25 -16.02
N ASP A 223 3.01 2.34 -15.77
CA ASP A 223 2.30 3.62 -15.80
C ASP A 223 2.82 4.54 -14.69
N ILE A 224 2.99 3.96 -13.50
CA ILE A 224 3.48 4.70 -12.35
C ILE A 224 4.87 5.27 -12.60
N ILE A 225 5.74 4.46 -13.18
CA ILE A 225 7.09 4.88 -13.52
C ILE A 225 7.08 5.93 -14.63
N PHE A 226 6.23 5.73 -15.62
CA PHE A 226 6.10 6.65 -16.74
C PHE A 226 5.70 8.04 -16.28
N GLN A 227 4.70 8.11 -15.41
CA GLN A 227 4.17 9.39 -14.93
C GLN A 227 5.04 9.99 -13.83
N GLY A 228 5.82 9.15 -13.15
CA GLY A 228 6.61 9.59 -12.03
C GLY A 228 7.90 10.29 -12.42
N ILE A 229 8.59 9.76 -13.42
CA ILE A 229 9.88 10.30 -13.83
C ILE A 229 9.75 11.65 -14.56
N SER A 230 10.78 12.49 -14.42
CA SER A 230 10.77 13.81 -15.04
C SER A 230 11.44 13.78 -16.41
N SER A 231 11.71 12.58 -16.91
CA SER A 231 12.34 12.40 -18.20
C SER A 231 11.44 12.90 -19.33
N THR A 232 11.98 13.74 -20.20
CA THR A 232 11.24 14.23 -21.36
C THR A 232 11.18 13.15 -22.44
N GLU A 233 12.24 12.36 -22.52
CA GLU A 233 12.30 11.27 -23.48
C GLU A 233 12.01 9.93 -22.82
N LYS A 234 10.75 9.52 -22.87
CA LYS A 234 10.34 8.25 -22.28
C LYS A 234 9.34 7.53 -23.17
N GLU A 235 9.38 6.20 -23.13
CA GLU A 235 8.51 5.39 -23.97
C GLU A 235 8.19 4.05 -23.31
N ILE A 236 6.95 3.61 -23.43
CA ILE A 236 6.54 2.30 -22.95
C ILE A 236 6.37 1.33 -24.11
N VAL A 237 7.18 0.27 -24.13
CA VAL A 237 7.04 -0.78 -25.11
C VAL A 237 6.36 -1.98 -24.45
N ARG A 238 5.21 -2.37 -24.99
CA ARG A 238 4.41 -3.42 -24.38
C ARG A 238 4.66 -4.77 -25.02
N LEU A 239 4.97 -5.76 -24.18
CA LEU A 239 5.28 -7.11 -24.63
C LEU A 239 4.01 -7.95 -24.65
N ARG A 240 3.76 -8.61 -25.77
CA ARG A 240 2.47 -9.26 -26.00
C ARG A 240 2.50 -10.78 -25.87
N ASN A 241 3.67 -11.37 -26.05
CA ASN A 241 3.81 -12.82 -25.92
C ASN A 241 4.86 -13.21 -24.90
N SER A 242 4.83 -12.53 -23.76
CA SER A 242 5.77 -12.80 -22.67
C SER A 242 5.12 -12.55 -21.32
N TYR A 243 5.46 -13.39 -20.35
CA TYR A 243 5.01 -13.18 -18.98
C TYR A 243 6.06 -12.32 -18.27
N HIS A 244 6.26 -12.56 -16.97
CA HIS A 244 7.15 -11.70 -16.19
C HIS A 244 8.62 -11.74 -16.62
N VAL A 245 9.17 -12.94 -16.71
CA VAL A 245 10.58 -13.09 -17.09
C VAL A 245 10.74 -12.93 -18.60
N ALA A 246 10.48 -11.74 -19.10
CA ALA A 246 10.43 -11.47 -20.52
C ALA A 246 11.76 -11.69 -21.24
N THR A 247 12.85 -11.47 -20.51
CA THR A 247 14.20 -11.59 -21.05
C THR A 247 14.56 -13.01 -21.44
N LEU A 248 13.80 -13.98 -20.93
CA LEU A 248 13.97 -15.38 -21.31
C LEU A 248 12.77 -15.83 -22.11
N ASP A 249 11.76 -14.96 -22.18
CA ASP A 249 10.51 -15.27 -22.84
C ASP A 249 10.58 -15.02 -24.32
N TYR A 250 9.45 -15.15 -25.00
CA TYR A 250 9.39 -15.07 -26.46
C TYR A 250 9.81 -13.72 -27.02
N ASP A 251 9.64 -12.66 -26.24
CA ASP A 251 9.94 -11.31 -26.69
C ASP A 251 11.41 -10.93 -26.46
N GLN A 252 12.24 -11.93 -26.15
CA GLN A 252 13.66 -11.70 -25.95
C GLN A 252 14.37 -11.03 -27.14
N PRO A 253 14.16 -11.53 -28.39
CA PRO A 253 14.83 -10.87 -29.51
C PRO A 253 14.38 -9.42 -29.70
N MET A 254 13.12 -9.13 -29.41
CA MET A 254 12.61 -7.78 -29.55
C MET A 254 13.21 -6.85 -28.52
N ILE A 255 13.32 -7.32 -27.28
CA ILE A 255 13.94 -6.55 -26.21
C ILE A 255 15.37 -6.20 -26.56
N ILE A 256 16.10 -7.18 -27.10
CA ILE A 256 17.48 -6.97 -27.53
C ILE A 256 17.57 -5.93 -28.64
N GLU A 257 16.72 -6.09 -29.65
CA GLU A 257 16.74 -5.20 -30.81
C GLU A 257 16.39 -3.76 -30.43
N ARG A 258 15.38 -3.60 -29.59
CA ARG A 258 14.94 -2.27 -29.16
C ARG A 258 15.96 -1.58 -28.28
N SER A 259 16.62 -2.35 -27.41
CA SER A 259 17.61 -1.80 -26.49
C SER A 259 18.85 -1.29 -27.22
N LEU A 260 19.34 -2.09 -28.17
CA LEU A 260 20.49 -1.68 -28.98
C LEU A 260 20.17 -0.43 -29.77
N GLU A 261 18.93 -0.34 -30.25
CA GLU A 261 18.45 0.85 -30.94
C GLU A 261 18.42 2.04 -29.99
N PHE A 262 18.02 1.77 -28.75
CA PHE A 262 17.97 2.79 -27.70
C PHE A 262 19.38 3.24 -27.33
N PHE A 263 20.29 2.30 -27.20
CA PHE A 263 21.67 2.59 -26.83
C PHE A 263 22.39 3.42 -27.89
N ALA A 264 22.28 2.99 -29.14
CA ALA A 264 22.93 3.67 -30.25
C ALA A 264 22.41 5.09 -30.45
N LYS A 265 21.16 5.31 -30.04
CA LYS A 265 20.52 6.61 -30.23
C LYS A 265 21.05 7.66 -29.27
N HIS A 266 21.48 7.22 -28.09
CA HIS A 266 21.91 8.16 -27.05
C HIS A 266 23.40 8.07 -26.74
N ALA A 267 24.09 7.10 -27.34
CA ALA A 267 25.52 6.94 -27.13
C ALA A 267 26.31 8.04 -27.85
N GLU B 21 -28.00 15.29 -2.40
CA GLU B 21 -28.72 14.04 -2.64
C GLU B 21 -29.97 14.27 -3.49
N GLN B 22 -30.11 13.46 -4.53
CA GLN B 22 -31.18 13.63 -5.50
C GLN B 22 -32.17 12.47 -5.47
N TYR B 23 -31.77 11.38 -4.83
CA TYR B 23 -32.61 10.18 -4.74
C TYR B 23 -33.19 10.04 -3.34
N PRO B 24 -34.36 9.38 -3.23
CA PRO B 24 -34.98 9.19 -1.91
C PRO B 24 -34.21 8.21 -1.04
N VAL B 25 -34.28 8.40 0.27
CA VAL B 25 -33.66 7.47 1.20
C VAL B 25 -34.42 6.14 1.18
N LEU B 26 -33.68 5.05 0.93
CA LEU B 26 -34.27 3.72 0.87
C LEU B 26 -34.92 3.34 2.19
N SER B 27 -35.95 2.49 2.11
CA SER B 27 -36.66 2.04 3.30
C SER B 27 -35.77 1.19 4.18
N GLY B 28 -35.57 1.63 5.43
CA GLY B 28 -34.71 0.92 6.36
C GLY B 28 -33.36 1.58 6.51
N ALA B 29 -33.09 2.56 5.65
CA ALA B 29 -31.82 3.27 5.67
C ALA B 29 -31.95 4.62 6.37
N GLU B 30 -33.09 4.84 7.01
CA GLU B 30 -33.34 6.09 7.73
C GLU B 30 -32.42 6.23 8.93
N PRO B 31 -32.04 7.47 9.27
CA PRO B 31 -31.26 7.70 10.49
C PRO B 31 -32.07 7.31 11.72
N PHE B 32 -31.40 6.92 12.80
CA PHE B 32 -32.09 6.53 14.01
C PHE B 32 -31.60 7.29 15.23
N TYR B 33 -32.55 7.91 15.94
CA TYR B 33 -32.23 8.63 17.17
C TYR B 33 -33.03 8.08 18.34
N ALA B 34 -32.42 8.08 19.52
CA ALA B 34 -33.11 7.71 20.74
C ALA B 34 -32.59 8.54 21.90
N GLU B 35 -33.46 9.35 22.48
CA GLU B 35 -33.08 10.24 23.57
C GLU B 35 -33.39 9.63 24.92
N ASN B 36 -32.37 9.08 25.57
CA ASN B 36 -32.54 8.47 26.88
C ASN B 36 -31.60 9.04 27.94
N GLY B 37 -30.79 8.16 28.54
CA GLY B 37 -29.90 8.55 29.62
C GLY B 37 -28.74 9.44 29.22
N PRO B 38 -27.88 9.79 30.19
CA PRO B 38 -26.75 10.71 30.02
C PRO B 38 -25.53 10.07 29.37
N VAL B 39 -25.60 8.79 29.03
CA VAL B 39 -24.51 8.13 28.32
C VAL B 39 -24.89 7.87 26.87
N GLY B 40 -24.06 8.34 25.95
CA GLY B 40 -24.38 8.26 24.53
C GLY B 40 -23.59 7.22 23.77
N VAL B 41 -24.23 6.65 22.75
CA VAL B 41 -23.58 5.69 21.86
C VAL B 41 -23.76 6.11 20.40
N LEU B 42 -22.65 6.42 19.74
CA LEU B 42 -22.68 6.76 18.32
C LEU B 42 -22.39 5.52 17.48
N LEU B 43 -23.24 5.26 16.49
CA LEU B 43 -23.09 4.08 15.64
C LEU B 43 -22.87 4.49 14.18
N VAL B 44 -21.80 3.98 13.59
CA VAL B 44 -21.45 4.34 12.22
C VAL B 44 -21.44 3.13 11.31
N HIS B 45 -22.26 3.17 10.25
CA HIS B 45 -22.32 2.07 9.30
C HIS B 45 -21.18 2.15 8.29
N GLY B 46 -21.14 1.19 7.37
CA GLY B 46 -20.00 1.05 6.47
C GLY B 46 -20.12 1.71 5.11
N PHE B 47 -18.98 1.77 4.42
CA PHE B 47 -18.88 2.24 3.05
C PHE B 47 -19.90 1.51 2.17
N THR B 48 -20.67 2.25 1.39
CA THR B 48 -21.71 1.67 0.52
C THR B 48 -22.89 1.08 1.32
N GLY B 49 -22.75 1.03 2.64
CA GLY B 49 -23.78 0.47 3.50
C GLY B 49 -24.86 1.47 3.89
N THR B 50 -25.70 1.06 4.84
CA THR B 50 -26.80 1.88 5.34
C THR B 50 -26.92 1.68 6.85
N PRO B 51 -27.64 2.59 7.55
CA PRO B 51 -27.86 2.41 8.99
C PRO B 51 -28.55 1.09 9.35
N HIS B 52 -29.12 0.40 8.35
CA HIS B 52 -29.79 -0.87 8.56
C HIS B 52 -28.88 -1.91 9.22
N SER B 53 -27.58 -1.84 8.92
CA SER B 53 -26.62 -2.79 9.47
C SER B 53 -26.36 -2.57 10.96
N MET B 54 -26.53 -1.32 11.41
CA MET B 54 -26.28 -0.98 12.81
C MET B 54 -27.57 -0.92 13.63
N ARG B 55 -28.71 -1.04 12.96
CA ARG B 55 -30.01 -0.89 13.60
C ARG B 55 -30.28 -1.84 14.78
N PRO B 56 -29.99 -3.15 14.64
CA PRO B 56 -30.22 -4.03 15.80
C PRO B 56 -29.39 -3.66 17.02
N LEU B 57 -28.14 -3.25 16.80
CA LEU B 57 -27.27 -2.81 17.89
C LEU B 57 -27.82 -1.55 18.54
N ALA B 58 -28.26 -0.61 17.69
CA ALA B 58 -28.78 0.67 18.17
C ALA B 58 -30.00 0.49 19.07
N GLU B 59 -30.90 -0.39 18.67
CA GLU B 59 -32.13 -0.64 19.43
C GLU B 59 -31.85 -1.31 20.77
N ALA B 60 -30.88 -2.21 20.78
CA ALA B 60 -30.51 -2.91 22.01
C ALA B 60 -29.85 -1.96 23.00
N TYR B 61 -29.06 -1.02 22.49
CA TYR B 61 -28.40 -0.04 23.34
C TYR B 61 -29.40 0.98 23.87
N ALA B 62 -30.34 1.37 23.01
CA ALA B 62 -31.40 2.30 23.41
C ALA B 62 -32.30 1.66 24.46
N LYS B 63 -32.49 0.34 24.33
CA LYS B 63 -33.30 -0.41 25.27
C LYS B 63 -32.60 -0.50 26.62
N ALA B 64 -31.27 -0.50 26.61
CA ALA B 64 -30.49 -0.62 27.82
C ALA B 64 -30.33 0.73 28.55
N GLY B 65 -31.01 1.75 28.05
CA GLY B 65 -31.02 3.05 28.70
C GLY B 65 -30.01 4.03 28.13
N TYR B 66 -29.40 3.67 27.01
CA TYR B 66 -28.41 4.55 26.38
C TYR B 66 -29.04 5.45 25.33
N THR B 67 -28.60 6.71 25.31
CA THR B 67 -28.94 7.61 24.22
C THR B 67 -28.12 7.20 23.00
N VAL B 68 -28.79 6.95 21.89
CA VAL B 68 -28.08 6.50 20.70
C VAL B 68 -28.32 7.38 19.47
N CYS B 69 -27.29 7.49 18.64
CA CYS B 69 -27.40 8.22 17.38
C CYS B 69 -26.85 7.38 16.25
N LEU B 70 -27.73 6.98 15.34
CA LEU B 70 -27.33 6.22 14.17
C LEU B 70 -27.58 7.05 12.91
N PRO B 71 -26.57 7.86 12.52
CA PRO B 71 -26.73 8.75 11.36
C PRO B 71 -26.66 8.00 10.05
N ARG B 72 -27.24 8.60 9.01
CA ARG B 72 -27.07 8.10 7.65
C ARG B 72 -25.94 8.89 7.00
N LEU B 73 -24.85 8.20 6.67
CA LEU B 73 -23.72 8.84 6.01
C LEU B 73 -24.16 9.46 4.70
N LYS B 74 -23.70 10.67 4.43
CA LYS B 74 -24.04 11.39 3.20
C LYS B 74 -23.67 10.56 1.98
N GLY B 75 -24.61 10.45 1.05
CA GLY B 75 -24.38 9.67 -0.17
C GLY B 75 -24.79 8.21 0.00
N HIS B 76 -25.07 7.81 1.23
CA HIS B 76 -25.47 6.44 1.52
C HIS B 76 -26.98 6.34 1.76
N GLY B 77 -27.53 5.16 1.48
CA GLY B 77 -28.94 4.91 1.73
C GLY B 77 -29.87 5.45 0.67
N THR B 78 -29.29 6.05 -0.37
CA THR B 78 -30.09 6.63 -1.45
C THR B 78 -29.80 5.95 -2.78
N HIS B 79 -28.71 6.36 -3.42
CA HIS B 79 -28.32 5.80 -4.72
C HIS B 79 -26.82 5.96 -4.89
N TYR B 80 -26.19 5.02 -5.58
CA TYR B 80 -24.73 5.05 -5.73
C TYR B 80 -24.26 6.27 -6.52
N GLU B 81 -25.15 6.82 -7.35
CA GLU B 81 -24.85 8.03 -8.08
C GLU B 81 -24.69 9.22 -7.13
N ASP B 82 -25.40 9.16 -6.01
CA ASP B 82 -25.30 10.20 -4.99
C ASP B 82 -23.98 10.09 -4.24
N MET B 83 -23.53 8.86 -3.99
CA MET B 83 -22.30 8.62 -3.24
C MET B 83 -21.06 9.11 -3.99
N GLU B 84 -21.11 9.04 -5.32
CA GLU B 84 -19.98 9.44 -6.16
C GLU B 84 -19.61 10.91 -5.94
N ARG B 85 -20.58 11.72 -5.55
CA ARG B 85 -20.35 13.14 -5.34
C ARG B 85 -19.85 13.46 -3.94
N THR B 86 -19.71 12.42 -3.11
CA THR B 86 -19.30 12.63 -1.72
C THR B 86 -17.81 12.33 -1.50
N THR B 87 -17.17 13.18 -0.71
CA THR B 87 -15.81 12.95 -0.27
C THR B 87 -15.87 12.34 1.12
N PHE B 88 -14.73 11.91 1.65
CA PHE B 88 -14.74 11.31 3.00
C PHE B 88 -14.97 12.38 4.06
N HIS B 89 -14.76 13.64 3.70
CA HIS B 89 -15.03 14.76 4.60
C HIS B 89 -16.53 14.89 4.83
N ASP B 90 -17.33 14.50 3.83
CA ASP B 90 -18.77 14.50 3.96
C ASP B 90 -19.21 13.37 4.90
N TRP B 91 -18.55 12.22 4.77
CA TRP B 91 -18.82 11.08 5.63
C TRP B 91 -18.44 11.41 7.07
N VAL B 92 -17.29 12.07 7.22
CA VAL B 92 -16.82 12.52 8.53
C VAL B 92 -17.80 13.53 9.11
N ALA B 93 -18.29 14.43 8.26
CA ALA B 93 -19.23 15.46 8.68
C ALA B 93 -20.54 14.88 9.20
N SER B 94 -21.01 13.81 8.55
CA SER B 94 -22.23 13.14 8.97
C SER B 94 -22.07 12.53 10.36
N VAL B 95 -20.86 12.02 10.62
CA VAL B 95 -20.54 11.43 11.91
C VAL B 95 -20.38 12.50 12.98
N GLU B 96 -19.70 13.59 12.62
CA GLU B 96 -19.52 14.71 13.54
C GLU B 96 -20.86 15.34 13.91
N GLU B 97 -21.78 15.38 12.97
CA GLU B 97 -23.13 15.87 13.22
C GLU B 97 -23.80 14.99 14.27
N GLY B 98 -23.61 13.68 14.16
CA GLY B 98 -24.15 12.75 15.12
C GLY B 98 -23.47 12.87 16.47
N TYR B 99 -22.17 13.08 16.45
CA TYR B 99 -21.39 13.24 17.67
C TYR B 99 -21.79 14.50 18.43
N GLY B 100 -22.05 15.57 17.68
CA GLY B 100 -22.47 16.83 18.27
C GLY B 100 -23.86 16.76 18.85
N TRP B 101 -24.70 15.93 18.24
CA TRP B 101 -26.06 15.72 18.72
C TRP B 101 -26.05 15.04 20.08
N LEU B 102 -25.09 14.14 20.27
CA LEU B 102 -24.95 13.41 21.52
C LEU B 102 -24.36 14.27 22.62
N LYS B 103 -23.41 15.12 22.27
CA LYS B 103 -22.69 15.95 23.24
C LYS B 103 -23.59 16.94 23.98
N GLN B 104 -24.77 17.23 23.40
CA GLN B 104 -25.67 18.21 24.00
C GLN B 104 -26.65 17.60 25.01
N ARG B 105 -26.63 16.28 25.13
CA ARG B 105 -27.51 15.60 26.06
C ARG B 105 -26.83 14.42 26.74
N CYS B 106 -25.54 14.27 26.45
CA CYS B 106 -24.72 13.24 27.09
C CYS B 106 -23.37 13.81 27.48
N GLN B 107 -22.88 13.42 28.65
CA GLN B 107 -21.57 13.86 29.10
C GLN B 107 -20.52 12.76 28.88
N THR B 108 -21.00 11.56 28.60
CA THR B 108 -20.14 10.42 28.30
C THR B 108 -20.60 9.75 27.01
N ILE B 109 -19.70 9.62 26.05
CA ILE B 109 -20.06 9.13 24.72
C ILE B 109 -19.15 7.99 24.23
N PHE B 110 -19.77 6.92 23.75
CA PHE B 110 -19.04 5.84 23.11
C PHE B 110 -19.30 5.83 21.62
N VAL B 111 -18.31 5.40 20.84
CA VAL B 111 -18.46 5.32 19.39
C VAL B 111 -18.15 3.91 18.89
N THR B 112 -19.09 3.33 18.15
CA THR B 112 -18.91 2.01 17.56
C THR B 112 -19.24 2.05 16.08
N GLY B 113 -18.55 1.22 15.30
CA GLY B 113 -18.74 1.22 13.86
C GLY B 113 -18.30 -0.04 13.15
N LEU B 114 -18.93 -0.32 12.02
CA LEU B 114 -18.59 -1.47 11.19
C LEU B 114 -17.93 -1.04 9.88
N SER B 115 -16.91 -1.78 9.45
CA SER B 115 -16.22 -1.52 8.20
C SER B 115 -15.60 -0.13 8.20
N MET B 116 -16.06 0.72 7.29
CA MET B 116 -15.60 2.09 7.23
C MET B 116 -16.15 2.85 8.43
N GLY B 117 -17.24 2.33 8.99
CA GLY B 117 -17.79 2.89 10.23
C GLY B 117 -16.78 2.75 11.35
N GLY B 118 -16.06 1.63 11.35
CA GLY B 118 -14.99 1.42 12.30
C GLY B 118 -13.84 2.38 12.03
N THR B 119 -13.57 2.62 10.74
CA THR B 119 -12.54 3.56 10.34
C THR B 119 -12.87 4.95 10.86
N LEU B 120 -14.11 5.36 10.65
CA LEU B 120 -14.59 6.67 11.11
C LEU B 120 -14.63 6.75 12.63
N THR B 121 -14.82 5.60 13.27
CA THR B 121 -14.78 5.52 14.72
C THR B 121 -13.37 5.88 15.22
N LEU B 122 -12.37 5.31 14.56
CA LEU B 122 -10.98 5.60 14.87
C LEU B 122 -10.65 7.05 14.56
N TYR B 123 -11.10 7.52 13.40
CA TYR B 123 -10.88 8.89 12.96
C TYR B 123 -11.42 9.88 14.00
N LEU B 124 -12.59 9.56 14.54
CA LEU B 124 -13.22 10.38 15.57
C LEU B 124 -12.37 10.44 16.83
N ALA B 125 -11.93 9.27 17.29
CA ALA B 125 -11.16 9.16 18.52
C ALA B 125 -9.81 9.86 18.44
N GLU B 126 -9.34 10.07 17.20
CA GLU B 126 -8.06 10.75 16.99
C GLU B 126 -8.21 12.26 17.07
N HIS B 127 -9.45 12.74 16.91
CA HIS B 127 -9.72 14.17 16.94
C HIS B 127 -10.45 14.60 18.21
N HIS B 128 -11.09 13.64 18.88
CA HIS B 128 -11.81 13.92 20.11
C HIS B 128 -11.37 12.98 21.24
N PRO B 129 -10.38 13.43 22.03
CA PRO B 129 -9.89 12.66 23.19
C PRO B 129 -10.93 12.51 24.28
N ASP B 130 -12.02 13.27 24.19
CA ASP B 130 -13.09 13.22 25.18
C ASP B 130 -13.97 11.99 25.04
N ILE B 131 -13.77 11.23 23.97
CA ILE B 131 -14.51 9.99 23.76
C ILE B 131 -14.14 8.97 24.83
N CYS B 132 -15.16 8.42 25.49
CA CYS B 132 -14.95 7.53 26.62
C CYS B 132 -14.42 6.16 26.21
N GLY B 133 -14.79 5.71 25.02
CA GLY B 133 -14.35 4.41 24.53
C GLY B 133 -14.83 4.13 23.12
N ILE B 134 -14.12 3.26 22.42
CA ILE B 134 -14.46 2.93 21.04
C ILE B 134 -14.65 1.44 20.83
N VAL B 135 -15.57 1.08 19.94
CA VAL B 135 -15.83 -0.32 19.62
C VAL B 135 -15.82 -0.54 18.11
N PRO B 136 -14.62 -0.63 17.52
CA PRO B 136 -14.52 -0.89 16.08
C PRO B 136 -14.82 -2.35 15.74
N ILE B 137 -15.64 -2.57 14.73
CA ILE B 137 -16.01 -3.92 14.31
C ILE B 137 -15.57 -4.16 12.87
N ASN B 138 -14.54 -4.98 12.71
CA ASN B 138 -13.93 -5.22 11.40
C ASN B 138 -13.55 -3.92 10.70
N ALA B 139 -12.97 -3.01 11.47
CA ALA B 139 -12.58 -1.70 10.96
C ALA B 139 -11.49 -1.82 9.91
N ALA B 140 -11.52 -0.92 8.92
CA ALA B 140 -10.57 -0.96 7.81
C ALA B 140 -9.56 0.17 7.90
N VAL B 141 -8.28 -0.18 7.94
CA VAL B 141 -7.21 0.81 7.88
C VAL B 141 -6.23 0.44 6.76
N ASP B 142 -6.42 -0.74 6.18
CA ASP B 142 -5.61 -1.18 5.05
C ASP B 142 -6.36 -2.24 4.25
N ILE B 143 -6.78 -1.86 3.04
CA ILE B 143 -7.43 -2.79 2.13
C ILE B 143 -6.59 -2.92 0.86
N PRO B 144 -5.65 -3.87 0.85
CA PRO B 144 -4.72 -4.09 -0.27
C PRO B 144 -5.43 -4.36 -1.60
N ALA B 145 -6.65 -4.88 -1.53
CA ALA B 145 -7.41 -5.21 -2.74
C ALA B 145 -7.71 -3.97 -3.58
N ILE B 146 -7.80 -2.82 -2.93
CA ILE B 146 -8.00 -1.56 -3.62
C ILE B 146 -6.78 -1.26 -4.50
N ALA B 147 -5.60 -1.28 -3.89
CA ALA B 147 -4.35 -1.00 -4.58
C ALA B 147 -4.06 -2.04 -5.67
N ALA B 148 -4.48 -3.28 -5.42
CA ALA B 148 -4.29 -4.35 -6.39
C ALA B 148 -5.07 -4.05 -7.67
N GLY B 149 -6.33 -3.64 -7.52
CA GLY B 149 -7.18 -3.30 -8.65
C GLY B 149 -6.82 -1.93 -9.23
N MET B 150 -6.27 -1.09 -8.36
CA MET B 150 -5.84 0.24 -8.71
C MET B 150 -4.65 0.20 -9.67
N THR B 151 -3.88 -0.89 -9.60
CA THR B 151 -2.72 -1.07 -10.47
C THR B 151 -2.74 -2.37 -11.27
N GLY B 152 -3.92 -2.99 -11.34
CA GLY B 152 -4.08 -4.25 -12.07
C GLY B 152 -3.85 -4.15 -13.57
N GLY B 153 -3.78 -2.91 -14.08
CA GLY B 153 -3.51 -2.70 -15.48
C GLY B 153 -4.75 -2.38 -16.29
N GLY B 154 -5.81 -3.15 -16.09
CA GLY B 154 -7.05 -2.97 -16.83
C GLY B 154 -7.65 -1.59 -16.63
N GLU B 155 -8.35 -1.09 -17.65
CA GLU B 155 -8.99 0.21 -17.57
C GLU B 155 -10.04 0.25 -16.46
N LEU B 156 -10.12 1.39 -15.78
CA LEU B 156 -10.99 1.52 -14.61
C LEU B 156 -12.37 2.06 -14.99
N PRO B 157 -13.41 1.22 -14.83
CA PRO B 157 -14.78 1.70 -15.05
C PRO B 157 -15.17 2.77 -14.03
N ARG B 158 -16.16 3.59 -14.36
CA ARG B 158 -16.61 4.65 -13.46
C ARG B 158 -17.31 4.04 -12.24
N TYR B 159 -18.01 2.93 -12.46
CA TYR B 159 -18.67 2.21 -11.39
C TYR B 159 -18.33 0.73 -11.45
N LEU B 160 -17.98 0.17 -10.29
CA LEU B 160 -17.69 -1.25 -10.20
C LEU B 160 -18.92 -2.01 -9.72
N ASP B 161 -19.09 -3.22 -10.23
CA ASP B 161 -20.12 -4.11 -9.70
C ASP B 161 -19.75 -4.47 -8.26
N SER B 162 -20.52 -3.92 -7.33
CA SER B 162 -20.16 -3.96 -5.91
C SER B 162 -19.93 -5.34 -5.31
N ILE B 163 -19.11 -5.35 -4.26
CA ILE B 163 -18.85 -6.55 -3.48
C ILE B 163 -20.16 -7.08 -2.91
N GLY B 164 -20.43 -8.37 -3.14
CA GLY B 164 -21.61 -9.00 -2.62
C GLY B 164 -21.63 -9.00 -1.10
N SER B 165 -22.80 -9.25 -0.52
CA SER B 165 -22.93 -9.23 0.93
C SER B 165 -22.19 -10.40 1.57
N ASP B 166 -21.20 -10.08 2.39
CA ASP B 166 -20.39 -11.10 3.05
C ASP B 166 -20.98 -11.47 4.41
N LEU B 167 -21.88 -12.45 4.40
CA LEU B 167 -22.56 -12.89 5.62
C LEU B 167 -22.55 -14.41 5.74
N LYS B 168 -22.25 -14.89 6.94
CA LYS B 168 -22.23 -16.34 7.19
C LYS B 168 -23.65 -16.87 7.31
N ASN B 169 -24.52 -16.13 8.00
CA ASN B 169 -25.93 -16.45 8.04
C ASN B 169 -26.53 -16.20 6.67
N PRO B 170 -26.90 -17.29 5.96
CA PRO B 170 -27.32 -17.19 4.56
C PRO B 170 -28.70 -16.59 4.38
N ASP B 171 -29.51 -16.57 5.44
CA ASP B 171 -30.87 -16.06 5.36
C ASP B 171 -30.93 -14.54 5.41
N VAL B 172 -29.81 -13.90 5.69
CA VAL B 172 -29.76 -12.45 5.83
C VAL B 172 -28.95 -11.78 4.73
N LYS B 173 -29.55 -10.79 4.09
CA LYS B 173 -28.87 -9.97 3.08
C LYS B 173 -29.13 -8.51 3.42
N GLU B 174 -28.06 -7.70 3.45
CA GLU B 174 -28.19 -6.32 3.91
C GLU B 174 -28.54 -5.33 2.80
N LEU B 175 -28.69 -4.06 3.19
CA LEU B 175 -29.04 -2.99 2.26
C LEU B 175 -27.79 -2.20 1.84
N ALA B 176 -27.29 -2.49 0.65
CA ALA B 176 -26.10 -1.81 0.14
C ALA B 176 -26.20 -1.62 -1.37
N TYR B 177 -25.51 -0.61 -1.89
CA TYR B 177 -25.52 -0.32 -3.31
C TYR B 177 -24.98 -1.49 -4.12
N GLU B 178 -25.50 -1.66 -5.33
CA GLU B 178 -25.09 -2.75 -6.21
C GLU B 178 -23.92 -2.30 -7.07
N LYS B 179 -23.68 -1.00 -7.10
CA LYS B 179 -22.56 -0.43 -7.84
C LYS B 179 -21.72 0.46 -6.92
N THR B 180 -20.40 0.35 -7.04
CA THR B 180 -19.50 1.15 -6.22
C THR B 180 -18.72 2.13 -7.08
N PRO B 181 -18.94 3.44 -6.85
CA PRO B 181 -18.21 4.49 -7.56
C PRO B 181 -16.70 4.41 -7.32
N THR B 182 -15.94 4.38 -8.40
CA THR B 182 -14.47 4.35 -8.33
C THR B 182 -13.93 5.55 -7.54
N ALA B 183 -14.51 6.73 -7.78
CA ALA B 183 -14.18 7.95 -7.06
C ALA B 183 -14.36 7.81 -5.55
N SER B 184 -15.34 6.99 -5.15
CA SER B 184 -15.61 6.77 -3.72
C SER B 184 -14.58 5.85 -3.08
N LEU B 185 -14.05 4.91 -3.87
CA LEU B 185 -13.08 3.94 -3.35
C LEU B 185 -11.75 4.58 -3.00
N LEU B 186 -11.26 5.47 -3.84
CA LEU B 186 -10.01 6.13 -3.54
C LEU B 186 -10.21 7.24 -2.52
N GLN B 187 -11.45 7.67 -2.37
CA GLN B 187 -11.81 8.52 -1.25
C GLN B 187 -11.68 7.72 0.03
N LEU B 188 -12.16 6.48 -0.02
CA LEU B 188 -12.05 5.56 1.10
C LEU B 188 -10.60 5.28 1.44
N ALA B 189 -9.78 5.09 0.40
CA ALA B 189 -8.36 4.82 0.58
C ALA B 189 -7.62 5.99 1.20
N ARG B 190 -8.09 7.20 0.91
CA ARG B 190 -7.49 8.40 1.48
C ARG B 190 -7.89 8.57 2.94
N LEU B 191 -9.11 8.12 3.27
CA LEU B 191 -9.58 8.14 4.65
C LEU B 191 -8.78 7.17 5.49
N MET B 192 -8.67 5.94 5.01
CA MET B 192 -7.95 4.89 5.72
C MET B 192 -6.47 5.22 5.93
N ALA B 193 -5.85 5.78 4.90
CA ALA B 193 -4.44 6.16 4.97
C ALA B 193 -4.21 7.25 6.02
N GLN B 194 -5.13 8.21 6.05
CA GLN B 194 -5.04 9.31 7.00
C GLN B 194 -5.37 8.83 8.41
N THR B 195 -6.24 7.84 8.49
CA THR B 195 -6.65 7.27 9.78
C THR B 195 -5.57 6.36 10.35
N LYS B 196 -5.00 5.52 9.51
CA LYS B 196 -3.99 4.56 9.93
C LYS B 196 -2.73 5.25 10.46
N ALA B 197 -2.43 6.43 9.90
CA ALA B 197 -1.22 7.15 10.25
C ALA B 197 -1.26 7.77 11.64
N LYS B 198 -2.46 8.05 12.13
CA LYS B 198 -2.62 8.74 13.41
C LYS B 198 -3.26 7.88 14.50
N LEU B 199 -3.05 6.58 14.42
CA LEU B 199 -3.64 5.65 15.38
C LEU B 199 -3.16 5.87 16.81
N ASP B 200 -1.92 6.32 16.97
CA ASP B 200 -1.35 6.51 18.30
C ASP B 200 -1.90 7.73 19.05
N ARG B 201 -2.77 8.49 18.40
CA ARG B 201 -3.45 9.59 19.06
C ARG B 201 -4.63 9.08 19.88
N ILE B 202 -5.00 7.83 19.64
CA ILE B 202 -6.09 7.19 20.37
C ILE B 202 -5.56 6.66 21.72
N VAL B 203 -6.21 7.06 22.80
CA VAL B 203 -5.80 6.64 24.13
C VAL B 203 -6.97 6.10 24.95
N CYS B 204 -8.18 6.28 24.45
CA CYS B 204 -9.38 5.81 25.14
C CYS B 204 -9.51 4.30 25.03
N PRO B 205 -10.16 3.67 26.03
CA PRO B 205 -10.48 2.24 26.05
C PRO B 205 -10.99 1.74 24.70
N ALA B 206 -10.51 0.57 24.27
CA ALA B 206 -10.87 0.04 22.97
C ALA B 206 -11.32 -1.42 23.03
N LEU B 207 -12.47 -1.70 22.43
CA LEU B 207 -12.94 -3.07 22.28
C LEU B 207 -12.99 -3.41 20.79
N ILE B 208 -12.00 -4.14 20.33
CA ILE B 208 -11.84 -4.43 18.90
C ILE B 208 -12.40 -5.79 18.51
N PHE B 209 -13.50 -5.78 17.77
CA PHE B 209 -14.09 -7.02 17.26
C PHE B 209 -13.52 -7.33 15.88
N VAL B 210 -13.21 -8.61 15.65
CA VAL B 210 -12.75 -9.05 14.34
C VAL B 210 -13.30 -10.44 14.01
N SER B 211 -13.89 -10.57 12.82
CA SER B 211 -14.35 -11.86 12.36
C SER B 211 -13.15 -12.68 11.88
N ASP B 212 -13.17 -13.98 12.16
CA ASP B 212 -12.11 -14.87 11.69
C ASP B 212 -12.13 -14.96 10.17
N GLU B 213 -13.33 -15.11 9.61
CA GLU B 213 -13.48 -15.27 8.17
C GLU B 213 -14.08 -14.03 7.51
N ASP B 214 -13.39 -12.90 7.63
CA ASP B 214 -13.81 -11.68 6.95
C ASP B 214 -13.25 -11.71 5.53
N HIS B 215 -14.14 -11.81 4.55
CA HIS B 215 -13.75 -11.90 3.15
C HIS B 215 -13.70 -10.53 2.50
N VAL B 216 -13.84 -9.48 3.30
CA VAL B 216 -13.86 -8.12 2.78
C VAL B 216 -12.72 -7.29 3.37
N VAL B 217 -12.68 -7.20 4.71
CA VAL B 217 -11.58 -6.53 5.38
C VAL B 217 -10.67 -7.57 6.04
N PRO B 218 -9.40 -7.62 5.60
CA PRO B 218 -8.42 -8.56 6.14
C PRO B 218 -8.33 -8.46 7.66
N PRO B 219 -8.60 -9.57 8.37
CA PRO B 219 -8.59 -9.63 9.84
C PRO B 219 -7.33 -9.06 10.48
N GLY B 220 -6.24 -9.00 9.72
CA GLY B 220 -5.00 -8.43 10.21
C GLY B 220 -5.10 -6.95 10.52
N ASN B 221 -6.16 -6.31 10.03
CA ASN B 221 -6.45 -4.92 10.34
C ASN B 221 -6.62 -4.71 11.84
N ALA B 222 -7.20 -5.69 12.52
CA ALA B 222 -7.41 -5.62 13.96
C ALA B 222 -6.08 -5.57 14.70
N ASP B 223 -5.09 -6.29 14.21
CA ASP B 223 -3.76 -6.28 14.81
C ASP B 223 -3.06 -4.95 14.56
N ILE B 224 -3.29 -4.39 13.38
CA ILE B 224 -2.74 -3.08 13.02
C ILE B 224 -3.29 -2.01 13.95
N ILE B 225 -4.59 -2.08 14.23
CA ILE B 225 -5.25 -1.14 15.12
C ILE B 225 -4.79 -1.33 16.56
N PHE B 226 -4.71 -2.60 16.98
CA PHE B 226 -4.32 -2.93 18.34
C PHE B 226 -2.95 -2.36 18.71
N GLN B 227 -1.95 -2.67 17.89
CA GLN B 227 -0.60 -2.17 18.12
C GLN B 227 -0.49 -0.68 17.83
N GLY B 228 -1.32 -0.20 16.89
CA GLY B 228 -1.27 1.18 16.46
C GLY B 228 -1.67 2.19 17.51
N ILE B 229 -2.77 1.91 18.22
CA ILE B 229 -3.29 2.84 19.21
C ILE B 229 -2.42 2.90 20.46
N SER B 230 -2.51 4.01 21.19
CA SER B 230 -1.73 4.20 22.41
C SER B 230 -2.56 3.97 23.66
N SER B 231 -3.72 3.34 23.49
CA SER B 231 -4.62 3.06 24.61
C SER B 231 -4.02 2.03 25.57
N THR B 232 -4.18 2.28 26.86
CA THR B 232 -3.69 1.35 27.87
C THR B 232 -4.66 0.17 28.02
N GLU B 233 -5.94 0.43 27.81
CA GLU B 233 -6.95 -0.61 27.87
C GLU B 233 -7.49 -0.93 26.48
N LYS B 234 -6.94 -1.97 25.87
CA LYS B 234 -7.37 -2.41 24.54
C LYS B 234 -7.51 -3.93 24.51
N GLU B 235 -8.39 -4.42 23.65
CA GLU B 235 -8.68 -5.85 23.60
C GLU B 235 -9.22 -6.26 22.23
N ILE B 236 -8.74 -7.38 21.72
CA ILE B 236 -9.25 -7.95 20.49
C ILE B 236 -10.15 -9.14 20.78
N VAL B 237 -11.40 -9.05 20.35
CA VAL B 237 -12.34 -10.17 20.48
C VAL B 237 -12.60 -10.79 19.12
N ARG B 238 -12.33 -12.08 19.01
CA ARG B 238 -12.49 -12.79 17.75
C ARG B 238 -13.89 -13.40 17.61
N LEU B 239 -14.55 -13.09 16.51
CA LEU B 239 -15.87 -13.65 16.22
C LEU B 239 -15.70 -14.89 15.34
N ARG B 240 -16.09 -16.04 15.90
CA ARG B 240 -15.83 -17.32 15.25
C ARG B 240 -16.93 -17.74 14.28
N ASN B 241 -18.10 -17.10 14.39
CA ASN B 241 -19.25 -17.51 13.60
C ASN B 241 -19.84 -16.40 12.73
N SER B 242 -18.96 -15.51 12.26
CA SER B 242 -19.42 -14.39 11.44
C SER B 242 -18.45 -14.02 10.34
N TYR B 243 -18.98 -13.48 9.25
CA TYR B 243 -18.16 -12.92 8.19
C TYR B 243 -18.01 -11.43 8.41
N HIS B 244 -17.97 -10.65 7.32
CA HIS B 244 -17.70 -9.22 7.44
C HIS B 244 -18.79 -8.44 8.17
N VAL B 245 -20.04 -8.61 7.76
CA VAL B 245 -21.16 -7.92 8.38
C VAL B 245 -21.60 -8.62 9.66
N ALA B 246 -20.75 -8.56 10.67
CA ALA B 246 -20.96 -9.28 11.91
C ALA B 246 -22.16 -8.78 12.71
N THR B 247 -22.50 -7.51 12.52
CA THR B 247 -23.59 -6.90 13.27
C THR B 247 -24.93 -7.50 12.92
N LEU B 248 -24.99 -8.21 11.79
CA LEU B 248 -26.22 -8.85 11.34
C LEU B 248 -26.05 -10.35 11.27
N ASP B 249 -24.87 -10.82 11.64
CA ASP B 249 -24.56 -12.24 11.59
C ASP B 249 -24.83 -12.91 12.92
N TYR B 250 -24.42 -14.17 13.02
CA TYR B 250 -24.67 -14.99 14.20
C TYR B 250 -24.07 -14.45 15.49
N ASP B 251 -22.96 -13.72 15.39
CA ASP B 251 -22.29 -13.22 16.58
C ASP B 251 -22.90 -11.93 17.10
N GLN B 252 -24.03 -11.54 16.54
CA GLN B 252 -24.71 -10.31 16.96
C GLN B 252 -25.03 -10.23 18.45
N PRO B 253 -25.60 -11.31 19.04
CA PRO B 253 -25.87 -11.23 20.49
C PRO B 253 -24.60 -11.05 21.33
N MET B 254 -23.49 -11.64 20.92
CA MET B 254 -22.25 -11.51 21.67
C MET B 254 -21.63 -10.13 21.47
N ILE B 255 -21.79 -9.57 20.27
CA ILE B 255 -21.35 -8.21 20.00
C ILE B 255 -22.09 -7.24 20.90
N ILE B 256 -23.41 -7.41 20.99
CA ILE B 256 -24.23 -6.57 21.86
C ILE B 256 -23.88 -6.79 23.33
N GLU B 257 -23.79 -8.05 23.74
CA GLU B 257 -23.50 -8.41 25.13
C GLU B 257 -22.17 -7.84 25.62
N ARG B 258 -21.11 -8.09 24.86
CA ARG B 258 -19.77 -7.63 25.24
C ARG B 258 -19.65 -6.11 25.22
N SER B 259 -20.36 -5.48 24.29
CA SER B 259 -20.33 -4.02 24.18
C SER B 259 -21.04 -3.36 25.36
N LEU B 260 -22.14 -3.96 25.80
CA LEU B 260 -22.86 -3.45 26.96
C LEU B 260 -22.00 -3.52 28.21
N GLU B 261 -21.29 -4.63 28.38
CA GLU B 261 -20.36 -4.79 29.49
C GLU B 261 -19.25 -3.76 29.41
N PHE B 262 -18.82 -3.48 28.18
CA PHE B 262 -17.77 -2.50 27.92
C PHE B 262 -18.25 -1.09 28.26
N PHE B 263 -19.52 -0.82 27.96
CA PHE B 263 -20.10 0.49 28.24
C PHE B 263 -20.25 0.72 29.74
N ALA B 264 -20.87 -0.24 30.41
CA ALA B 264 -21.12 -0.15 31.84
C ALA B 264 -19.84 -0.04 32.66
N LYS B 265 -18.77 -0.65 32.15
CA LYS B 265 -17.50 -0.65 32.84
C LYS B 265 -16.86 0.74 32.87
N HIS B 266 -16.94 1.45 31.75
CA HIS B 266 -16.25 2.73 31.60
C HIS B 266 -17.18 3.93 31.80
N ALA B 267 -18.47 3.68 31.94
CA ALA B 267 -19.43 4.77 32.14
C ALA B 267 -19.33 5.35 33.55
N GLN C 22 -1.10 -12.65 32.91
CA GLN C 22 -2.54 -12.80 32.71
C GLN C 22 -2.91 -14.27 32.44
N TYR C 23 -1.93 -15.04 32.01
CA TYR C 23 -2.13 -16.47 31.75
C TYR C 23 -1.34 -17.29 32.75
N PRO C 24 -1.87 -18.46 33.14
CA PRO C 24 -1.17 -19.34 34.09
C PRO C 24 0.08 -19.97 33.48
N VAL C 25 1.01 -20.39 34.33
CA VAL C 25 2.24 -21.04 33.89
C VAL C 25 1.94 -22.42 33.31
N LEU C 26 2.47 -22.67 32.12
CA LEU C 26 2.25 -23.94 31.43
C LEU C 26 2.89 -25.12 32.15
N SER C 27 2.35 -26.31 31.92
CA SER C 27 2.88 -27.53 32.53
C SER C 27 4.27 -27.85 31.98
N GLY C 28 5.27 -27.80 32.86
CA GLY C 28 6.64 -28.10 32.48
C GLY C 28 7.48 -26.85 32.31
N ALA C 29 6.88 -25.69 32.53
CA ALA C 29 7.57 -24.42 32.38
C ALA C 29 7.86 -23.78 33.73
N GLU C 30 7.67 -24.55 34.80
CA GLU C 30 7.92 -24.07 36.15
C GLU C 30 9.42 -23.87 36.37
N PRO C 31 9.79 -22.94 37.26
CA PRO C 31 11.21 -22.76 37.54
C PRO C 31 11.74 -23.87 38.45
N PHE C 32 13.07 -24.03 38.47
CA PHE C 32 13.68 -25.12 39.24
C PHE C 32 14.74 -24.59 40.21
N TYR C 33 14.57 -24.93 41.48
CA TYR C 33 15.52 -24.56 42.52
C TYR C 33 16.03 -25.79 43.24
N ALA C 34 17.33 -25.78 43.58
CA ALA C 34 17.92 -26.87 44.34
C ALA C 34 19.10 -26.36 45.17
N GLU C 35 19.00 -26.52 46.48
CA GLU C 35 20.06 -26.07 47.38
C GLU C 35 20.93 -27.23 47.84
N ASN C 36 22.14 -27.30 47.29
CA ASN C 36 23.09 -28.34 47.68
C ASN C 36 24.40 -27.76 48.18
N GLY C 37 25.47 -27.99 47.43
CA GLY C 37 26.79 -27.50 47.81
C GLY C 37 26.92 -25.99 47.77
N PRO C 38 28.10 -25.48 48.14
CA PRO C 38 28.37 -24.03 48.17
C PRO C 38 28.66 -23.44 46.79
N VAL C 39 28.75 -24.28 45.77
CA VAL C 39 28.98 -23.79 44.41
C VAL C 39 27.66 -23.69 43.66
N GLY C 40 27.38 -22.50 43.11
CA GLY C 40 26.11 -22.24 42.46
C GLY C 40 26.17 -22.19 40.95
N VAL C 41 25.09 -22.63 40.30
CA VAL C 41 24.98 -22.56 38.85
C VAL C 41 23.64 -21.96 38.45
N LEU C 42 23.69 -20.86 37.71
CA LEU C 42 22.48 -20.23 37.20
C LEU C 42 22.23 -20.69 35.77
N LEU C 43 21.04 -21.21 35.52
CA LEU C 43 20.67 -21.68 34.19
C LEU C 43 19.59 -20.79 33.58
N VAL C 44 19.86 -20.27 32.39
CA VAL C 44 18.95 -19.35 31.73
C VAL C 44 18.46 -19.91 30.39
N HIS C 45 17.14 -19.89 30.19
CA HIS C 45 16.56 -20.42 28.96
C HIS C 45 16.41 -19.33 27.89
N GLY C 46 15.84 -19.70 26.75
CA GLY C 46 15.86 -18.84 25.58
C GLY C 46 14.59 -18.10 25.22
N PHE C 47 14.72 -17.25 24.19
CA PHE C 47 13.65 -16.44 23.65
C PHE C 47 12.46 -17.30 23.21
N THR C 48 11.29 -17.01 23.77
CA THR C 48 10.05 -17.80 23.57
C THR C 48 10.11 -19.20 24.17
N GLY C 49 11.22 -19.52 24.82
CA GLY C 49 11.41 -20.84 25.41
C GLY C 49 10.92 -20.90 26.85
N THR C 50 11.19 -22.04 27.49
CA THR C 50 10.80 -22.27 28.89
C THR C 50 11.97 -22.94 29.62
N PRO C 51 11.92 -22.99 30.96
CA PRO C 51 12.94 -23.72 31.72
C PRO C 51 13.06 -25.20 31.34
N HIS C 52 12.06 -25.72 30.63
CA HIS C 52 12.04 -27.13 30.24
C HIS C 52 13.24 -27.52 29.39
N SER C 53 13.81 -26.55 28.68
CA SER C 53 14.97 -26.81 27.82
C SER C 53 16.28 -26.89 28.62
N MET C 54 16.31 -26.21 29.77
CA MET C 54 17.49 -26.20 30.63
C MET C 54 17.41 -27.28 31.70
N ARG C 55 16.22 -27.83 31.89
CA ARG C 55 15.95 -28.73 33.01
C ARG C 55 16.84 -29.98 33.13
N PRO C 56 17.11 -30.69 32.02
CA PRO C 56 18.01 -31.84 32.14
C PRO C 56 19.41 -31.44 32.61
N LEU C 57 19.86 -30.25 32.21
CA LEU C 57 21.16 -29.74 32.66
C LEU C 57 21.12 -29.41 34.14
N ALA C 58 20.01 -28.81 34.58
CA ALA C 58 19.87 -28.37 35.96
C ALA C 58 19.89 -29.53 36.96
N GLU C 59 19.24 -30.64 36.59
CA GLU C 59 19.14 -31.79 37.49
C GLU C 59 20.43 -32.61 37.49
N ALA C 60 21.17 -32.55 36.39
CA ALA C 60 22.46 -33.24 36.31
C ALA C 60 23.47 -32.51 37.19
N TYR C 61 23.38 -31.19 37.22
CA TYR C 61 24.26 -30.38 38.05
C TYR C 61 23.89 -30.53 39.52
N ALA C 62 22.59 -30.67 39.78
CA ALA C 62 22.10 -30.84 41.15
C ALA C 62 22.57 -32.16 41.74
N LYS C 63 22.55 -33.21 40.92
CA LYS C 63 23.00 -34.53 41.36
C LYS C 63 24.50 -34.52 41.62
N ALA C 64 25.21 -33.65 40.92
CA ALA C 64 26.66 -33.53 41.07
C ALA C 64 27.02 -32.73 42.32
N GLY C 65 26.01 -32.27 43.05
CA GLY C 65 26.22 -31.57 44.30
C GLY C 65 26.24 -30.06 44.18
N TYR C 66 25.80 -29.54 43.04
CA TYR C 66 25.77 -28.09 42.83
C TYR C 66 24.42 -27.50 43.19
N THR C 67 24.44 -26.30 43.77
CA THR C 67 23.24 -25.53 44.02
C THR C 67 22.82 -24.86 42.72
N VAL C 68 21.62 -25.16 42.24
CA VAL C 68 21.19 -24.63 40.95
C VAL C 68 19.93 -23.77 41.03
N CYS C 69 19.85 -22.79 40.14
CA CYS C 69 18.68 -21.94 40.01
C CYS C 69 18.29 -21.83 38.55
N LEU C 70 17.09 -22.30 38.24
CA LEU C 70 16.58 -22.26 36.87
C LEU C 70 15.29 -21.45 36.83
N PRO C 71 15.42 -20.11 36.70
CA PRO C 71 14.25 -19.24 36.71
C PRO C 71 13.46 -19.29 35.41
N ARG C 72 12.20 -18.88 35.49
CA ARG C 72 11.37 -18.71 34.31
C ARG C 72 11.35 -17.23 33.96
N LEU C 73 11.76 -16.90 32.74
CA LEU C 73 11.78 -15.51 32.31
C LEU C 73 10.38 -14.92 32.26
N LYS C 74 10.27 -13.64 32.59
CA LYS C 74 8.99 -12.94 32.61
C LYS C 74 8.35 -12.95 31.23
N GLY C 75 7.12 -13.46 31.16
CA GLY C 75 6.40 -13.52 29.90
C GLY C 75 6.60 -14.83 29.16
N HIS C 76 7.48 -15.68 29.69
CA HIS C 76 7.74 -16.99 29.09
C HIS C 76 7.01 -18.10 29.82
N GLY C 77 6.63 -19.14 29.09
CA GLY C 77 5.96 -20.28 29.68
C GLY C 77 4.55 -20.00 30.12
N THR C 78 3.94 -18.98 29.53
CA THR C 78 2.55 -18.64 29.82
C THR C 78 1.76 -18.47 28.52
N HIS C 79 1.99 -17.36 27.84
CA HIS C 79 1.32 -17.08 26.57
C HIS C 79 2.11 -16.00 25.83
N TYR C 80 2.11 -16.05 24.50
CA TYR C 80 2.87 -15.10 23.72
C TYR C 80 2.39 -13.66 23.84
N GLU C 81 1.17 -13.49 24.35
CA GLU C 81 0.62 -12.16 24.56
C GLU C 81 1.17 -11.52 25.84
N ASP C 82 1.57 -12.35 26.79
CA ASP C 82 2.26 -11.86 27.98
C ASP C 82 3.68 -11.44 27.63
N MET C 83 4.32 -12.25 26.80
CA MET C 83 5.67 -11.96 26.33
C MET C 83 5.69 -10.71 25.45
N GLU C 84 4.58 -10.48 24.76
CA GLU C 84 4.44 -9.34 23.86
C GLU C 84 4.50 -8.01 24.63
N ARG C 85 4.15 -8.05 25.91
CA ARG C 85 4.10 -6.82 26.71
C ARG C 85 5.37 -6.59 27.53
N THR C 86 6.28 -7.57 27.52
CA THR C 86 7.51 -7.45 28.29
C THR C 86 8.60 -6.73 27.51
N THR C 87 9.57 -6.18 28.24
CA THR C 87 10.77 -5.61 27.64
C THR C 87 11.95 -6.50 28.02
N PHE C 88 13.13 -6.21 27.47
CA PHE C 88 14.30 -7.02 27.79
C PHE C 88 14.77 -6.73 29.22
N HIS C 89 14.33 -5.60 29.76
CA HIS C 89 14.64 -5.25 31.14
C HIS C 89 13.97 -6.24 32.10
N ASP C 90 12.78 -6.69 31.73
CA ASP C 90 12.05 -7.69 32.52
C ASP C 90 12.78 -9.02 32.50
N TRP C 91 13.35 -9.35 31.34
CA TRP C 91 14.09 -10.59 31.17
C TRP C 91 15.38 -10.55 31.99
N VAL C 92 16.01 -9.37 32.02
CA VAL C 92 17.22 -9.16 32.81
C VAL C 92 16.91 -9.27 34.30
N ALA C 93 15.79 -8.69 34.71
CA ALA C 93 15.36 -8.73 36.11
C ALA C 93 15.10 -10.16 36.56
N SER C 94 14.60 -10.99 35.65
CA SER C 94 14.34 -12.39 35.94
C SER C 94 15.65 -13.14 36.22
N VAL C 95 16.70 -12.75 35.51
CA VAL C 95 18.00 -13.37 35.67
C VAL C 95 18.72 -12.83 36.91
N GLU C 96 18.60 -11.52 37.12
CA GLU C 96 19.21 -10.89 38.30
C GLU C 96 18.61 -11.40 39.60
N GLU C 97 17.33 -11.75 39.57
CA GLU C 97 16.67 -12.32 40.73
C GLU C 97 17.22 -13.72 40.99
N GLY C 98 17.46 -14.46 39.91
CA GLY C 98 18.02 -15.80 40.01
C GLY C 98 19.46 -15.76 40.51
N TYR C 99 20.20 -14.76 40.05
CA TYR C 99 21.60 -14.59 40.47
C TYR C 99 21.68 -14.16 41.93
N GLY C 100 20.73 -13.35 42.37
CA GLY C 100 20.68 -12.91 43.75
C GLY C 100 20.34 -14.04 44.68
N TRP C 101 19.49 -14.95 44.22
CA TRP C 101 19.08 -16.11 45.00
C TRP C 101 20.29 -17.01 45.28
N LEU C 102 21.12 -17.21 44.27
CA LEU C 102 22.34 -18.01 44.42
C LEU C 102 23.37 -17.26 45.25
N LYS C 103 23.37 -15.93 45.13
CA LYS C 103 24.32 -15.08 45.84
C LYS C 103 24.13 -15.16 47.36
N GLN C 104 22.94 -15.58 47.79
CA GLN C 104 22.63 -15.63 49.21
C GLN C 104 23.04 -16.94 49.87
N ARG C 105 23.55 -17.88 49.08
CA ARG C 105 23.95 -19.17 49.62
C ARG C 105 25.12 -19.80 48.85
N CYS C 106 25.75 -19.02 47.99
CA CYS C 106 26.92 -19.49 47.25
C CYS C 106 27.98 -18.40 47.12
N GLN C 107 29.23 -18.78 47.33
CA GLN C 107 30.35 -17.85 47.21
C GLN C 107 30.96 -17.94 45.82
N THR C 108 30.68 -19.04 45.13
CA THR C 108 31.18 -19.27 43.78
C THR C 108 30.02 -19.57 42.84
N ILE C 109 29.82 -18.71 41.85
CA ILE C 109 28.67 -18.82 40.96
C ILE C 109 29.04 -18.95 39.49
N PHE C 110 28.47 -19.94 38.83
CA PHE C 110 28.62 -20.09 37.38
C PHE C 110 27.29 -19.76 36.71
N VAL C 111 27.35 -19.27 35.48
CA VAL C 111 26.15 -18.97 34.72
C VAL C 111 26.19 -19.63 33.35
N THR C 112 25.15 -20.40 33.05
CA THR C 112 25.01 -21.05 31.74
C THR C 112 23.67 -20.69 31.13
N GLY C 113 23.61 -20.67 29.80
CA GLY C 113 22.40 -20.29 29.11
C GLY C 113 22.38 -20.65 27.63
N LEU C 114 21.17 -20.80 27.10
CA LEU C 114 20.97 -21.17 25.70
C LEU C 114 20.31 -20.04 24.92
N SER C 115 20.82 -19.77 23.73
CA SER C 115 20.25 -18.78 22.81
C SER C 115 20.27 -17.37 23.42
N MET C 116 19.10 -16.85 23.78
CA MET C 116 19.02 -15.57 24.48
C MET C 116 19.51 -15.77 25.91
N GLY C 117 19.38 -17.00 26.40
CA GLY C 117 19.89 -17.34 27.72
C GLY C 117 21.39 -17.15 27.76
N GLY C 118 22.06 -17.48 26.65
CA GLY C 118 23.48 -17.25 26.52
C GLY C 118 23.79 -15.77 26.44
N THR C 119 22.88 -15.02 25.82
CA THR C 119 23.02 -13.57 25.73
C THR C 119 22.94 -12.96 27.13
N LEU C 120 21.97 -13.43 27.91
CA LEU C 120 21.80 -12.97 29.28
C LEU C 120 22.94 -13.44 30.18
N THR C 121 23.55 -14.56 29.80
CA THR C 121 24.72 -15.07 30.50
C THR C 121 25.89 -14.09 30.32
N LEU C 122 26.08 -13.65 29.09
CA LEU C 122 27.11 -12.67 28.78
C LEU C 122 26.80 -11.34 29.46
N TYR C 123 25.52 -10.97 29.45
CA TYR C 123 25.06 -9.72 30.05
C TYR C 123 25.39 -9.66 31.54
N LEU C 124 25.12 -10.74 32.24
CA LEU C 124 25.40 -10.84 33.67
C LEU C 124 26.89 -10.70 33.96
N ALA C 125 27.71 -11.40 33.17
CA ALA C 125 29.16 -11.39 33.35
C ALA C 125 29.73 -9.99 33.15
N GLU C 126 29.05 -9.17 32.35
CA GLU C 126 29.48 -7.81 32.09
C GLU C 126 29.16 -6.89 33.26
N HIS C 127 28.18 -7.29 34.08
CA HIS C 127 27.76 -6.49 35.22
C HIS C 127 28.27 -7.01 36.55
N HIS C 128 28.67 -8.28 36.57
CA HIS C 128 29.12 -8.91 37.82
C HIS C 128 30.43 -9.67 37.64
N PRO C 129 31.55 -9.02 38.00
CA PRO C 129 32.89 -9.62 37.89
C PRO C 129 33.08 -10.80 38.83
N ASP C 130 32.23 -10.91 39.85
CA ASP C 130 32.36 -11.98 40.84
C ASP C 130 31.98 -13.35 40.29
N ILE C 131 31.33 -13.37 39.12
CA ILE C 131 30.94 -14.63 38.49
C ILE C 131 32.17 -15.45 38.13
N CYS C 132 32.18 -16.71 38.60
CA CYS C 132 33.36 -17.56 38.47
C CYS C 132 33.64 -18.00 37.03
N GLY C 133 32.59 -18.15 36.24
CA GLY C 133 32.73 -18.59 34.86
C GLY C 133 31.41 -18.68 34.13
N ILE C 134 31.46 -18.68 32.81
CA ILE C 134 30.26 -18.72 32.00
C ILE C 134 30.27 -19.84 30.97
N VAL C 135 29.09 -20.40 30.71
CA VAL C 135 28.92 -21.42 29.69
C VAL C 135 27.80 -21.03 28.73
N PRO C 136 28.08 -20.09 27.81
CA PRO C 136 27.06 -19.71 26.82
C PRO C 136 26.89 -20.81 25.77
N ILE C 137 25.65 -21.12 25.44
CA ILE C 137 25.35 -22.16 24.47
C ILE C 137 24.54 -21.60 23.30
N ASN C 138 25.19 -21.52 22.13
CA ASN C 138 24.59 -20.89 20.96
C ASN C 138 24.08 -19.50 21.28
N ALA C 139 24.85 -18.76 22.07
CA ALA C 139 24.47 -17.43 22.50
C ALA C 139 24.33 -16.48 21.32
N ALA C 140 23.36 -15.57 21.39
CA ALA C 140 23.09 -14.65 20.31
C ALA C 140 23.57 -13.24 20.64
N VAL C 141 24.44 -12.70 19.80
CA VAL C 141 24.91 -11.32 19.94
C VAL C 141 24.70 -10.56 18.65
N ASP C 142 24.45 -11.30 17.57
CA ASP C 142 24.27 -10.68 16.26
C ASP C 142 23.45 -11.60 15.35
N ILE C 143 22.19 -11.25 15.14
CA ILE C 143 21.30 -11.98 14.25
C ILE C 143 20.91 -11.10 13.08
N PRO C 144 21.65 -11.20 11.95
CA PRO C 144 21.45 -10.36 10.77
C PRO C 144 20.03 -10.46 10.21
N ALA C 145 19.41 -11.63 10.32
CA ALA C 145 18.06 -11.83 9.82
C ALA C 145 17.04 -10.93 10.50
N ILE C 146 17.26 -10.68 11.79
CA ILE C 146 16.35 -9.84 12.56
C ILE C 146 16.44 -8.37 12.14
N ALA C 147 17.67 -7.84 12.09
CA ALA C 147 17.88 -6.45 11.69
C ALA C 147 17.40 -6.19 10.27
N ALA C 148 17.49 -7.20 9.43
CA ALA C 148 17.04 -7.09 8.04
C ALA C 148 15.53 -6.94 7.96
N GLY C 149 14.83 -7.66 8.82
CA GLY C 149 13.37 -7.64 8.82
C GLY C 149 12.78 -6.53 9.67
N MET C 150 13.47 -6.17 10.75
CA MET C 150 12.94 -5.22 11.72
C MET C 150 13.24 -3.76 11.41
N THR C 151 14.31 -3.51 10.66
CA THR C 151 14.75 -2.13 10.41
C THR C 151 14.48 -1.66 8.98
N GLY C 152 14.33 -0.36 8.82
CA GLY C 152 14.15 0.23 7.52
C GLY C 152 12.84 0.99 7.35
N GLY C 153 11.93 0.82 8.30
CA GLY C 153 10.65 1.51 8.26
C GLY C 153 9.52 0.64 7.73
N GLY C 154 8.34 1.25 7.60
CA GLY C 154 7.17 0.52 7.13
C GLY C 154 6.51 -0.26 8.24
N GLU C 155 5.37 -0.88 7.93
CA GLU C 155 4.64 -1.67 8.91
C GLU C 155 5.24 -3.05 9.08
N LEU C 156 5.23 -3.54 10.32
CA LEU C 156 5.70 -4.88 10.63
C LEU C 156 4.53 -5.76 11.02
N PRO C 157 4.56 -7.04 10.60
CA PRO C 157 3.52 -7.97 11.03
C PRO C 157 3.61 -8.15 12.54
N ARG C 158 2.50 -8.47 13.19
CA ARG C 158 2.49 -8.61 14.64
C ARG C 158 3.18 -9.89 15.11
N TYR C 159 2.99 -10.97 14.36
CA TYR C 159 3.52 -12.27 14.76
C TYR C 159 4.26 -13.01 13.66
N LEU C 160 5.39 -13.61 14.02
CA LEU C 160 6.04 -14.63 13.20
C LEU C 160 5.57 -15.98 13.70
N ASP C 161 5.95 -17.05 13.00
CA ASP C 161 5.62 -18.39 13.44
C ASP C 161 6.57 -18.87 14.54
N SER C 162 6.37 -20.10 14.98
CA SER C 162 7.22 -20.69 16.00
C SER C 162 8.66 -20.78 15.53
N ILE C 163 9.59 -20.46 16.42
CA ILE C 163 11.00 -20.50 16.10
C ILE C 163 11.68 -21.60 16.89
N GLY C 164 10.94 -22.18 17.84
CA GLY C 164 11.45 -23.25 18.66
C GLY C 164 11.48 -24.58 17.91
N SER C 165 12.01 -25.60 18.60
CA SER C 165 12.07 -26.97 18.07
C SER C 165 12.97 -27.11 16.85
N ASP C 166 14.11 -26.45 16.86
CA ASP C 166 15.16 -26.73 15.87
C ASP C 166 16.03 -27.85 16.43
N LEU C 167 15.55 -29.08 16.31
CA LEU C 167 16.23 -30.24 16.87
C LEU C 167 16.63 -31.22 15.77
N LYS C 168 17.77 -31.85 15.96
CA LYS C 168 18.20 -32.91 15.07
C LYS C 168 17.59 -34.22 15.53
N ASN C 169 17.32 -34.33 16.82
CA ASN C 169 16.61 -35.48 17.36
C ASN C 169 15.12 -35.29 17.20
N PRO C 170 14.53 -36.00 16.25
CA PRO C 170 13.12 -35.81 15.89
C PRO C 170 12.15 -36.35 16.92
N ASP C 171 12.65 -37.06 17.92
CA ASP C 171 11.77 -37.66 18.93
C ASP C 171 11.58 -36.74 20.12
N VAL C 172 12.19 -35.57 20.08
CA VAL C 172 12.11 -34.62 21.17
C VAL C 172 11.33 -33.37 20.77
N LYS C 173 10.65 -32.78 21.74
CA LYS C 173 9.87 -31.58 21.51
C LYS C 173 10.32 -30.45 22.42
N GLU C 174 10.37 -29.24 21.86
CA GLU C 174 10.70 -28.04 22.61
C GLU C 174 9.39 -27.35 23.00
N LEU C 175 9.26 -26.92 24.25
CA LEU C 175 8.16 -26.06 24.63
C LEU C 175 8.45 -24.60 24.28
N ALA C 176 7.93 -24.16 23.14
CA ALA C 176 8.08 -22.79 22.70
C ALA C 176 6.75 -22.27 22.17
N TYR C 177 6.56 -20.95 22.22
CA TYR C 177 5.33 -20.34 21.74
C TYR C 177 5.10 -20.62 20.26
N GLU C 178 3.84 -20.79 19.89
CA GLU C 178 3.48 -21.04 18.49
C GLU C 178 3.63 -19.78 17.66
N LYS C 179 3.61 -18.63 18.34
CA LYS C 179 3.80 -17.35 17.67
C LYS C 179 4.92 -16.54 18.31
N THR C 180 5.63 -15.76 17.51
CA THR C 180 6.70 -14.91 18.00
C THR C 180 6.39 -13.45 17.75
N PRO C 181 6.17 -12.68 18.83
CA PRO C 181 5.88 -11.25 18.72
C PRO C 181 7.06 -10.47 18.17
N THR C 182 6.83 -9.67 17.13
CA THR C 182 7.88 -8.85 16.55
C THR C 182 8.30 -7.72 17.48
N ALA C 183 7.42 -7.37 18.41
CA ALA C 183 7.74 -6.39 19.43
C ALA C 183 8.81 -6.96 20.36
N SER C 184 8.83 -8.28 20.49
CA SER C 184 9.78 -8.96 21.36
C SER C 184 11.13 -9.16 20.67
N LEU C 185 11.10 -9.40 19.37
CA LEU C 185 12.33 -9.49 18.57
C LEU C 185 13.07 -8.16 18.64
N LEU C 186 12.30 -7.07 18.67
CA LEU C 186 12.86 -5.73 18.82
C LEU C 186 13.55 -5.58 20.16
N GLN C 187 12.98 -6.19 21.20
CA GLN C 187 13.55 -6.16 22.53
C GLN C 187 14.82 -7.00 22.57
N LEU C 188 14.75 -8.19 21.96
CA LEU C 188 15.92 -9.07 21.85
C LEU C 188 17.06 -8.37 21.14
N ALA C 189 16.73 -7.64 20.08
CA ALA C 189 17.71 -6.91 19.29
C ALA C 189 18.47 -5.88 20.12
N ARG C 190 17.73 -5.11 20.92
CA ARG C 190 18.33 -4.10 21.77
C ARG C 190 19.23 -4.72 22.83
N LEU C 191 18.80 -5.85 23.38
CA LEU C 191 19.57 -6.57 24.38
C LEU C 191 20.87 -7.10 23.77
N MET C 192 20.75 -7.69 22.59
CA MET C 192 21.92 -8.22 21.89
C MET C 192 22.93 -7.14 21.56
N ALA C 193 22.42 -5.95 21.22
CA ALA C 193 23.28 -4.82 20.86
C ALA C 193 24.05 -4.29 22.07
N GLN C 194 23.35 -4.15 23.18
CA GLN C 194 23.97 -3.69 24.43
C GLN C 194 25.03 -4.68 24.90
N THR C 195 24.70 -5.97 24.85
CA THR C 195 25.61 -7.02 25.31
C THR C 195 26.84 -7.14 24.42
N LYS C 196 26.61 -7.11 23.10
CA LYS C 196 27.70 -7.21 22.13
C LYS C 196 28.74 -6.09 22.30
N ALA C 197 28.27 -4.91 22.68
CA ALA C 197 29.14 -3.75 22.80
C ALA C 197 30.01 -3.78 24.06
N LYS C 198 29.60 -4.54 25.06
CA LYS C 198 30.31 -4.56 26.33
C LYS C 198 30.98 -5.90 26.63
N LEU C 199 31.28 -6.65 25.58
CA LEU C 199 31.91 -7.96 25.72
C LEU C 199 33.29 -7.89 26.36
N ASP C 200 33.98 -6.77 26.18
CA ASP C 200 35.33 -6.60 26.69
C ASP C 200 35.38 -6.52 28.22
N ARG C 201 34.21 -6.39 28.84
CA ARG C 201 34.11 -6.32 30.29
C ARG C 201 34.15 -7.71 30.91
N ILE C 202 33.96 -8.73 30.09
CA ILE C 202 33.99 -10.11 30.55
C ILE C 202 35.42 -10.62 30.68
N VAL C 203 35.82 -11.02 31.87
CA VAL C 203 37.18 -11.49 32.12
C VAL C 203 37.19 -12.90 32.72
N CYS C 204 36.04 -13.36 33.19
CA CYS C 204 35.93 -14.68 33.79
C CYS C 204 36.12 -15.77 32.74
N PRO C 205 36.62 -16.95 33.16
CA PRO C 205 36.78 -18.11 32.28
C PRO C 205 35.48 -18.45 31.55
N ALA C 206 35.58 -18.77 30.27
CA ALA C 206 34.39 -19.02 29.46
C ALA C 206 34.44 -20.35 28.71
N LEU C 207 33.33 -21.06 28.71
CA LEU C 207 33.19 -22.28 27.93
C LEU C 207 32.10 -22.08 26.89
N ILE C 208 32.50 -21.85 25.65
CA ILE C 208 31.56 -21.45 24.60
C ILE C 208 31.16 -22.60 23.69
N PHE C 209 29.91 -23.03 23.81
CA PHE C 209 29.38 -24.09 22.95
C PHE C 209 28.70 -23.50 21.71
N VAL C 210 28.82 -24.20 20.60
CA VAL C 210 28.16 -23.78 19.37
C VAL C 210 27.86 -24.96 18.44
N SER C 211 26.61 -25.04 18.01
CA SER C 211 26.21 -26.08 17.06
C SER C 211 26.70 -25.71 15.66
N ASP C 212 27.26 -26.68 14.96
CA ASP C 212 27.73 -26.45 13.59
C ASP C 212 26.56 -26.15 12.65
N GLU C 213 25.48 -26.91 12.81
CA GLU C 213 24.29 -26.70 12.00
C GLU C 213 23.19 -25.98 12.77
N ASP C 214 23.44 -24.74 13.16
CA ASP C 214 22.42 -23.96 13.85
C ASP C 214 21.65 -23.12 12.83
N HIS C 215 20.34 -23.37 12.75
CA HIS C 215 19.49 -22.69 11.77
C HIS C 215 18.74 -21.51 12.38
N VAL C 216 19.08 -21.18 13.63
CA VAL C 216 18.45 -20.05 14.31
C VAL C 216 19.48 -18.98 14.64
N VAL C 217 20.44 -19.33 15.50
CA VAL C 217 21.53 -18.42 15.84
C VAL C 217 22.78 -18.82 15.06
N PRO C 218 23.28 -17.90 14.21
CA PRO C 218 24.47 -18.17 13.39
C PRO C 218 25.65 -18.63 14.23
N PRO C 219 26.32 -19.71 13.81
CA PRO C 219 27.48 -20.27 14.50
C PRO C 219 28.61 -19.27 14.64
N GLY C 220 28.62 -18.24 13.78
CA GLY C 220 29.65 -17.22 13.82
C GLY C 220 29.61 -16.36 15.07
N ASN C 221 28.48 -16.42 15.79
CA ASN C 221 28.33 -15.68 17.03
C ASN C 221 29.38 -16.08 18.07
N ALA C 222 29.72 -17.36 18.09
CA ALA C 222 30.72 -17.87 19.02
C ALA C 222 32.07 -17.20 18.78
N ASP C 223 32.40 -16.97 17.52
CA ASP C 223 33.64 -16.30 17.15
C ASP C 223 33.63 -14.85 17.62
N ILE C 224 32.47 -14.20 17.51
CA ILE C 224 32.31 -12.82 17.95
C ILE C 224 32.48 -12.72 19.47
N ILE C 225 31.91 -13.68 20.19
CA ILE C 225 32.04 -13.73 21.65
C ILE C 225 33.49 -14.01 22.05
N PHE C 226 34.08 -15.02 21.41
CA PHE C 226 35.45 -15.45 21.69
C PHE C 226 36.45 -14.31 21.54
N GLN C 227 36.30 -13.55 20.47
CA GLN C 227 37.21 -12.44 20.18
C GLN C 227 36.84 -11.19 20.97
N GLY C 228 35.56 -11.08 21.33
CA GLY C 228 35.04 -9.91 22.01
C GLY C 228 35.44 -9.81 23.47
N ILE C 229 35.45 -10.95 24.15
CA ILE C 229 35.75 -10.98 25.58
C ILE C 229 37.25 -10.87 25.85
N SER C 230 37.60 -10.32 27.02
CA SER C 230 39.00 -10.13 27.39
C SER C 230 39.53 -11.29 28.23
N SER C 231 38.72 -12.34 28.35
CA SER C 231 39.08 -13.50 29.15
C SER C 231 40.30 -14.21 28.58
N THR C 232 41.20 -14.65 29.47
CA THR C 232 42.39 -15.37 29.06
C THR C 232 42.12 -16.87 29.01
N GLU C 233 41.17 -17.32 29.81
CA GLU C 233 40.78 -18.73 29.82
C GLU C 233 39.46 -18.91 29.07
N LYS C 234 39.56 -19.16 27.78
CA LYS C 234 38.37 -19.29 26.94
C LYS C 234 38.57 -20.36 25.87
N GLU C 235 37.47 -21.00 25.47
CA GLU C 235 37.52 -22.02 24.43
C GLU C 235 36.18 -22.20 23.75
N ILE C 236 36.22 -22.55 22.48
CA ILE C 236 35.01 -22.83 21.71
C ILE C 236 34.86 -24.33 21.50
N VAL C 237 33.76 -24.90 22.01
CA VAL C 237 33.47 -26.31 21.81
C VAL C 237 32.33 -26.47 20.82
N ARG C 238 32.64 -27.03 19.66
CA ARG C 238 31.65 -27.19 18.59
C ARG C 238 30.89 -28.50 18.73
N LEU C 239 29.55 -28.39 18.72
CA LEU C 239 28.69 -29.56 18.77
C LEU C 239 28.30 -29.95 17.35
N ARG C 240 28.67 -31.16 16.96
CA ARG C 240 28.54 -31.59 15.55
C ARG C 240 27.35 -32.51 15.32
N ASN C 241 26.60 -32.80 16.38
CA ASN C 241 25.43 -33.65 16.26
C ASN C 241 24.19 -32.97 16.82
N SER C 242 24.14 -31.64 16.70
CA SER C 242 23.04 -30.87 17.26
C SER C 242 22.69 -29.64 16.43
N TYR C 243 21.41 -29.29 16.44
CA TYR C 243 20.96 -28.03 15.87
C TYR C 243 20.93 -26.99 16.99
N HIS C 244 19.97 -26.08 16.96
CA HIS C 244 19.97 -24.97 17.92
C HIS C 244 19.76 -25.37 19.38
N VAL C 245 18.66 -26.06 19.66
CA VAL C 245 18.37 -26.47 21.03
C VAL C 245 19.25 -27.64 21.45
N ALA C 246 20.54 -27.35 21.63
CA ALA C 246 21.54 -28.38 21.85
C ALA C 246 21.41 -29.10 23.20
N THR C 247 20.79 -28.44 24.17
CA THR C 247 20.69 -28.98 25.52
C THR C 247 19.66 -30.11 25.62
N LEU C 248 18.86 -30.26 24.57
CA LEU C 248 17.90 -31.35 24.50
C LEU C 248 18.23 -32.26 23.33
N ASP C 249 19.25 -31.88 22.57
CA ASP C 249 19.65 -32.64 21.38
C ASP C 249 20.62 -33.77 21.72
N TYR C 250 21.19 -34.36 20.69
CA TYR C 250 22.08 -35.52 20.83
C TYR C 250 23.36 -35.20 21.61
N ASP C 251 23.84 -33.98 21.49
CA ASP C 251 25.09 -33.59 22.16
C ASP C 251 24.86 -33.09 23.59
N GLN C 252 23.68 -33.36 24.13
CA GLN C 252 23.39 -33.03 25.53
C GLN C 252 24.38 -33.62 26.55
N PRO C 253 24.70 -34.94 26.43
CA PRO C 253 25.62 -35.50 27.43
C PRO C 253 27.00 -34.83 27.43
N MET C 254 27.47 -34.40 26.26
CA MET C 254 28.78 -33.75 26.18
C MET C 254 28.75 -32.36 26.84
N ILE C 255 27.64 -31.65 26.65
CA ILE C 255 27.46 -30.35 27.27
C ILE C 255 27.50 -30.47 28.78
N ILE C 256 26.72 -31.41 29.30
CA ILE C 256 26.68 -31.68 30.73
C ILE C 256 28.05 -32.13 31.24
N GLU C 257 28.70 -33.01 30.50
CA GLU C 257 30.00 -33.54 30.89
C GLU C 257 31.08 -32.46 30.89
N ARG C 258 31.18 -31.70 29.80
CA ARG C 258 32.20 -30.66 29.69
C ARG C 258 31.99 -29.53 30.69
N SER C 259 30.74 -29.16 30.93
CA SER C 259 30.42 -28.11 31.88
C SER C 259 30.83 -28.52 33.29
N LEU C 260 30.59 -29.78 33.63
CA LEU C 260 30.95 -30.30 34.94
C LEU C 260 32.47 -30.28 35.16
N GLU C 261 33.23 -30.63 34.13
CA GLU C 261 34.67 -30.53 34.19
C GLU C 261 35.08 -29.07 34.33
N PHE C 262 34.37 -28.20 33.62
CA PHE C 262 34.62 -26.76 33.66
C PHE C 262 34.36 -26.20 35.05
N PHE C 263 33.25 -26.61 35.66
CA PHE C 263 32.87 -26.18 37.00
C PHE C 263 33.93 -26.57 38.02
N ALA C 264 34.27 -27.85 38.04
CA ALA C 264 35.23 -28.39 38.99
C ALA C 264 36.60 -27.72 38.85
N LYS C 265 36.98 -27.43 37.60
CA LYS C 265 38.29 -26.85 37.32
C LYS C 265 38.43 -25.45 37.90
N HIS C 266 37.39 -24.65 37.78
CA HIS C 266 37.46 -23.24 38.16
C HIS C 266 36.89 -22.91 39.54
N ALA C 267 36.13 -23.83 40.11
CA ALA C 267 35.56 -23.63 41.44
C ALA C 267 36.64 -23.72 42.51
N GLU D 21 1.44 16.62 -31.26
CA GLU D 21 0.65 15.46 -31.66
C GLU D 21 1.48 14.46 -32.47
N GLN D 22 1.36 13.18 -32.13
CA GLN D 22 2.16 12.14 -32.73
C GLN D 22 1.33 11.22 -33.61
N TYR D 23 0.01 11.26 -33.41
CA TYR D 23 -0.90 10.38 -34.13
C TYR D 23 -1.70 11.15 -35.19
N PRO D 24 -2.10 10.46 -36.27
CA PRO D 24 -2.86 11.13 -37.34
C PRO D 24 -4.28 11.46 -36.91
N VAL D 25 -4.86 12.48 -37.52
CA VAL D 25 -6.23 12.89 -37.23
C VAL D 25 -7.22 11.84 -37.71
N LEU D 26 -8.14 11.45 -36.84
CA LEU D 26 -9.13 10.42 -37.16
C LEU D 26 -10.13 10.88 -38.21
N SER D 27 -10.65 9.92 -38.98
CA SER D 27 -11.68 10.20 -39.96
C SER D 27 -12.97 10.59 -39.25
N GLY D 28 -13.48 11.78 -39.56
CA GLY D 28 -14.68 12.28 -38.92
C GLY D 28 -14.37 13.29 -37.82
N ALA D 29 -13.09 13.47 -37.53
CA ALA D 29 -12.67 14.38 -36.48
C ALA D 29 -12.02 15.64 -37.06
N GLU D 30 -12.15 15.81 -38.37
CA GLU D 30 -11.58 16.97 -39.05
C GLU D 30 -12.31 18.24 -38.64
N PRO D 31 -11.57 19.36 -38.55
CA PRO D 31 -12.23 20.63 -38.24
C PRO D 31 -13.02 21.13 -39.44
N PHE D 32 -13.96 22.05 -39.21
CA PHE D 32 -14.87 22.49 -40.25
C PHE D 32 -14.90 24.01 -40.40
N TYR D 33 -14.67 24.49 -41.61
CA TYR D 33 -14.72 25.92 -41.90
C TYR D 33 -15.72 26.21 -43.01
N ALA D 34 -16.52 27.25 -42.82
CA ALA D 34 -17.44 27.72 -43.84
C ALA D 34 -17.49 29.23 -43.81
N GLU D 35 -17.19 29.87 -44.94
CA GLU D 35 -17.22 31.33 -45.01
C GLU D 35 -18.40 31.84 -45.81
N ASN D 36 -19.37 32.43 -45.10
CA ASN D 36 -20.55 32.99 -45.75
C ASN D 36 -20.77 34.44 -45.33
N GLY D 37 -21.87 34.69 -44.62
CA GLY D 37 -22.21 36.04 -44.19
C GLY D 37 -21.26 36.61 -43.16
N PRO D 38 -21.41 37.91 -42.85
CA PRO D 38 -20.53 38.64 -41.93
C PRO D 38 -20.78 38.32 -40.45
N VAL D 39 -21.75 37.48 -40.17
CA VAL D 39 -22.01 37.05 -38.79
C VAL D 39 -21.38 35.68 -38.55
N GLY D 40 -20.52 35.59 -37.53
CA GLY D 40 -19.77 34.37 -37.29
C GLY D 40 -20.22 33.57 -36.07
N VAL D 41 -20.13 32.25 -36.19
CA VAL D 41 -20.45 31.35 -35.09
C VAL D 41 -19.30 30.40 -34.81
N LEU D 42 -18.81 30.40 -33.58
CA LEU D 42 -17.75 29.49 -33.17
C LEU D 42 -18.33 28.31 -32.40
N LEU D 43 -18.03 27.10 -32.86
CA LEU D 43 -18.52 25.89 -32.20
C LEU D 43 -17.37 25.11 -31.59
N VAL D 44 -17.48 24.80 -30.30
CA VAL D 44 -16.43 24.08 -29.59
C VAL D 44 -16.90 22.73 -29.07
N HIS D 45 -16.19 21.67 -29.45
CA HIS D 45 -16.55 20.32 -29.01
C HIS D 45 -16.02 20.04 -27.60
N GLY D 46 -16.29 18.84 -27.10
CA GLY D 46 -16.00 18.53 -25.71
C GLY D 46 -14.75 17.71 -25.40
N PHE D 47 -14.60 17.43 -24.10
CA PHE D 47 -13.48 16.68 -23.54
C PHE D 47 -13.44 15.26 -24.08
N THR D 48 -12.28 14.84 -24.59
CA THR D 48 -12.10 13.55 -25.28
C THR D 48 -12.92 13.39 -26.55
N GLY D 49 -13.71 14.41 -26.88
CA GLY D 49 -14.59 14.36 -28.03
C GLY D 49 -13.92 14.83 -29.31
N THR D 50 -14.73 15.05 -30.33
CA THR D 50 -14.26 15.47 -31.65
C THR D 50 -15.23 16.48 -32.26
N PRO D 51 -14.80 17.21 -33.29
CA PRO D 51 -15.72 18.10 -34.02
C PRO D 51 -16.97 17.39 -34.56
N HIS D 52 -16.91 16.07 -34.64
CA HIS D 52 -18.01 15.25 -35.14
C HIS D 52 -19.33 15.53 -34.41
N SER D 53 -19.25 15.82 -33.12
CA SER D 53 -20.43 16.08 -32.31
C SER D 53 -21.05 17.46 -32.57
N MET D 54 -20.25 18.36 -33.13
CA MET D 54 -20.73 19.73 -33.41
C MET D 54 -21.06 19.94 -34.89
N ARG D 55 -20.74 18.96 -35.72
CA ARG D 55 -20.87 19.11 -37.17
C ARG D 55 -22.30 19.35 -37.70
N PRO D 56 -23.31 18.60 -37.20
CA PRO D 56 -24.68 18.89 -37.67
C PRO D 56 -25.11 20.33 -37.37
N LEU D 57 -24.73 20.85 -36.21
CA LEU D 57 -25.02 22.23 -35.87
C LEU D 57 -24.25 23.17 -36.79
N ALA D 58 -23.00 22.81 -37.09
CA ALA D 58 -22.14 23.60 -37.95
C ALA D 58 -22.72 23.71 -39.37
N GLU D 59 -23.11 22.57 -39.94
CA GLU D 59 -23.66 22.54 -41.28
C GLU D 59 -24.97 23.31 -41.37
N ALA D 60 -25.79 23.19 -40.34
CA ALA D 60 -27.08 23.88 -40.31
C ALA D 60 -26.90 25.39 -40.28
N TYR D 61 -25.96 25.86 -39.47
CA TYR D 61 -25.70 27.29 -39.34
C TYR D 61 -25.14 27.87 -40.63
N ALA D 62 -24.30 27.09 -41.31
CA ALA D 62 -23.75 27.48 -42.60
C ALA D 62 -24.87 27.53 -43.63
N LYS D 63 -25.79 26.58 -43.54
CA LYS D 63 -26.94 26.52 -44.45
C LYS D 63 -27.82 27.75 -44.26
N ALA D 64 -27.79 28.32 -43.06
CA ALA D 64 -28.58 29.51 -42.74
C ALA D 64 -27.84 30.79 -43.09
N GLY D 65 -26.65 30.64 -43.66
CA GLY D 65 -25.89 31.78 -44.16
C GLY D 65 -24.90 32.38 -43.18
N TYR D 66 -24.55 31.62 -42.14
CA TYR D 66 -23.57 32.09 -41.16
C TYR D 66 -22.18 31.57 -41.47
N THR D 67 -21.17 32.39 -41.22
CA THR D 67 -19.79 31.95 -41.27
C THR D 67 -19.50 31.17 -39.99
N VAL D 68 -19.09 29.93 -40.12
CA VAL D 68 -18.84 29.12 -38.93
C VAL D 68 -17.44 28.55 -38.88
N CYS D 69 -16.93 28.41 -37.67
CA CYS D 69 -15.63 27.82 -37.43
C CYS D 69 -15.74 26.73 -36.36
N LEU D 70 -15.43 25.50 -36.74
CA LEU D 70 -15.47 24.36 -35.83
C LEU D 70 -14.09 23.73 -35.73
N PRO D 71 -13.27 24.21 -34.77
CA PRO D 71 -11.88 23.75 -34.66
C PRO D 71 -11.77 22.40 -33.96
N ARG D 72 -10.70 21.67 -34.26
CA ARG D 72 -10.36 20.45 -33.56
C ARG D 72 -9.42 20.81 -32.41
N LEU D 73 -9.84 20.51 -31.19
CA LEU D 73 -9.04 20.83 -30.01
C LEU D 73 -7.73 20.06 -30.01
N LYS D 74 -6.66 20.72 -29.58
CA LYS D 74 -5.33 20.11 -29.50
C LYS D 74 -5.36 18.86 -28.64
N GLY D 75 -4.94 17.74 -29.22
CA GLY D 75 -4.91 16.47 -28.50
C GLY D 75 -6.14 15.62 -28.74
N HIS D 76 -7.17 16.20 -29.34
CA HIS D 76 -8.41 15.49 -29.59
C HIS D 76 -8.51 15.03 -31.05
N GLY D 77 -9.20 13.91 -31.27
CA GLY D 77 -9.41 13.39 -32.60
C GLY D 77 -8.19 12.70 -33.18
N THR D 78 -7.21 12.41 -32.33
CA THR D 78 -6.01 11.70 -32.76
C THR D 78 -5.79 10.44 -31.93
N HIS D 79 -5.37 10.63 -30.68
CA HIS D 79 -5.12 9.52 -29.77
C HIS D 79 -5.05 10.07 -28.35
N TYR D 80 -5.54 9.30 -27.39
CA TYR D 80 -5.56 9.77 -26.00
C TYR D 80 -4.16 9.98 -25.42
N GLU D 81 -3.17 9.34 -26.03
CA GLU D 81 -1.78 9.55 -25.64
C GLU D 81 -1.33 10.97 -26.01
N ASP D 82 -1.82 11.46 -27.15
CA ASP D 82 -1.58 12.83 -27.54
C ASP D 82 -2.29 13.79 -26.59
N MET D 83 -3.51 13.43 -26.21
CA MET D 83 -4.32 14.25 -25.33
C MET D 83 -3.67 14.39 -23.95
N GLU D 84 -3.16 13.28 -23.43
CA GLU D 84 -2.55 13.26 -22.10
C GLU D 84 -1.37 14.22 -22.00
N ARG D 85 -0.77 14.53 -23.14
CA ARG D 85 0.38 15.44 -23.18
C ARG D 85 -0.03 16.91 -23.25
N THR D 86 -1.34 17.16 -23.38
CA THR D 86 -1.83 18.52 -23.52
C THR D 86 -2.27 19.13 -22.19
N THR D 87 -2.13 20.46 -22.08
CA THR D 87 -2.66 21.19 -20.94
C THR D 87 -3.96 21.86 -21.39
N PHE D 88 -4.67 22.50 -20.47
CA PHE D 88 -5.91 23.17 -20.83
C PHE D 88 -5.64 24.45 -21.60
N HIS D 89 -4.42 24.97 -21.47
CA HIS D 89 -4.00 26.14 -22.23
C HIS D 89 -3.90 25.82 -23.71
N ASP D 90 -3.60 24.57 -24.03
CA ASP D 90 -3.57 24.10 -25.41
C ASP D 90 -4.98 24.08 -25.99
N TRP D 91 -5.94 23.68 -25.16
CA TRP D 91 -7.34 23.66 -25.56
C TRP D 91 -7.84 25.08 -25.77
N VAL D 92 -7.41 25.99 -24.90
CA VAL D 92 -7.79 27.40 -24.98
C VAL D 92 -7.23 28.03 -26.25
N ALA D 93 -5.96 27.76 -26.53
CA ALA D 93 -5.30 28.29 -27.72
C ALA D 93 -5.99 27.84 -29.00
N SER D 94 -6.51 26.62 -28.98
CA SER D 94 -7.25 26.09 -30.13
C SER D 94 -8.52 26.90 -30.37
N VAL D 95 -9.20 27.27 -29.29
CA VAL D 95 -10.43 28.04 -29.37
C VAL D 95 -10.15 29.50 -29.73
N GLU D 96 -9.12 30.06 -29.13
CA GLU D 96 -8.71 31.44 -29.42
C GLU D 96 -8.31 31.60 -30.89
N GLU D 97 -7.70 30.55 -31.45
CA GLU D 97 -7.31 30.55 -32.84
C GLU D 97 -8.53 30.55 -33.75
N GLY D 98 -9.51 29.73 -33.40
CA GLY D 98 -10.77 29.67 -34.13
C GLY D 98 -11.50 31.00 -34.05
N TYR D 99 -11.43 31.62 -32.88
CA TYR D 99 -12.03 32.93 -32.68
C TYR D 99 -11.31 33.99 -33.49
N GLY D 100 -9.99 33.87 -33.57
CA GLY D 100 -9.18 34.78 -34.36
C GLY D 100 -9.45 34.64 -35.85
N TRP D 101 -9.80 33.42 -36.26
CA TRP D 101 -10.14 33.14 -37.65
C TRP D 101 -11.45 33.82 -38.03
N LEU D 102 -12.42 33.76 -37.13
CA LEU D 102 -13.71 34.39 -37.33
C LEU D 102 -13.62 35.91 -37.28
N LYS D 103 -12.78 36.41 -36.37
CA LYS D 103 -12.67 37.85 -36.12
C LYS D 103 -12.07 38.60 -37.32
N GLN D 104 -11.40 37.87 -38.20
CA GLN D 104 -10.79 38.47 -39.38
C GLN D 104 -11.78 38.66 -40.54
N ARG D 105 -12.98 38.11 -40.38
CA ARG D 105 -13.98 38.20 -41.45
C ARG D 105 -15.39 38.37 -40.91
N CYS D 106 -15.52 38.61 -39.61
CA CYS D 106 -16.82 38.82 -38.99
C CYS D 106 -16.77 39.94 -37.94
N GLN D 107 -17.76 40.82 -37.98
CA GLN D 107 -17.87 41.88 -36.98
C GLN D 107 -18.76 41.44 -35.82
N THR D 108 -19.61 40.45 -36.08
CA THR D 108 -20.51 39.91 -35.07
C THR D 108 -20.24 38.42 -34.87
N ILE D 109 -19.89 38.04 -33.64
CA ILE D 109 -19.48 36.67 -33.37
C ILE D 109 -20.22 36.04 -32.20
N PHE D 110 -20.81 34.86 -32.45
CA PHE D 110 -21.44 34.07 -31.40
C PHE D 110 -20.58 32.84 -31.08
N VAL D 111 -20.60 32.41 -29.84
CA VAL D 111 -19.85 31.23 -29.43
C VAL D 111 -20.75 30.19 -28.77
N THR D 112 -20.76 28.97 -29.32
CA THR D 112 -21.52 27.88 -28.74
C THR D 112 -20.61 26.67 -28.52
N GLY D 113 -20.96 25.83 -27.55
CA GLY D 113 -20.14 24.67 -27.22
C GLY D 113 -20.81 23.66 -26.32
N LEU D 114 -20.36 22.42 -26.40
CA LEU D 114 -20.89 21.32 -25.59
C LEU D 114 -19.88 20.80 -24.59
N SER D 115 -20.33 20.45 -23.39
CA SER D 115 -19.45 19.90 -22.36
C SER D 115 -18.33 20.88 -22.02
N MET D 116 -17.09 20.46 -22.21
CA MET D 116 -15.95 21.35 -21.98
C MET D 116 -15.94 22.45 -23.03
N GLY D 117 -16.52 22.18 -24.19
CA GLY D 117 -16.69 23.19 -25.22
C GLY D 117 -17.55 24.32 -24.68
N GLY D 118 -18.53 23.98 -23.86
CA GLY D 118 -19.35 24.96 -23.19
C GLY D 118 -18.54 25.74 -22.18
N THR D 119 -17.62 25.05 -21.50
CA THR D 119 -16.73 25.69 -20.53
C THR D 119 -15.84 26.70 -21.25
N LEU D 120 -15.25 26.27 -22.36
CA LEU D 120 -14.39 27.12 -23.17
C LEU D 120 -15.17 28.27 -23.79
N THR D 121 -16.44 28.04 -24.09
CA THR D 121 -17.33 29.08 -24.57
C THR D 121 -17.42 30.18 -23.53
N LEU D 122 -17.60 29.77 -22.27
CA LEU D 122 -17.66 30.70 -21.16
C LEU D 122 -16.31 31.38 -20.93
N TYR D 123 -15.23 30.60 -21.07
CA TYR D 123 -13.89 31.13 -20.89
C TYR D 123 -13.60 32.26 -21.88
N LEU D 124 -14.04 32.07 -23.12
CA LEU D 124 -13.88 33.09 -24.16
C LEU D 124 -14.66 34.35 -23.83
N ALA D 125 -15.92 34.18 -23.45
CA ALA D 125 -16.81 35.30 -23.14
C ALA D 125 -16.30 36.13 -21.97
N GLU D 126 -15.51 35.50 -21.10
CA GLU D 126 -14.93 36.20 -19.96
C GLU D 126 -13.73 37.04 -20.36
N HIS D 127 -13.17 36.75 -21.53
CA HIS D 127 -11.99 37.45 -22.00
C HIS D 127 -12.29 38.37 -23.18
N HIS D 128 -13.36 38.07 -23.90
CA HIS D 128 -13.75 38.89 -25.05
C HIS D 128 -15.17 39.41 -24.91
N PRO D 129 -15.33 40.64 -24.40
CA PRO D 129 -16.63 41.28 -24.21
C PRO D 129 -17.33 41.58 -25.54
N ASP D 130 -16.56 41.61 -26.63
CA ASP D 130 -17.12 41.91 -27.94
C ASP D 130 -17.99 40.79 -28.50
N ILE D 131 -17.92 39.62 -27.88
CA ILE D 131 -18.73 38.48 -28.28
C ILE D 131 -20.22 38.82 -28.17
N CYS D 132 -20.94 38.65 -29.27
CA CYS D 132 -22.33 39.08 -29.36
C CYS D 132 -23.27 38.25 -28.48
N GLY D 133 -22.90 36.99 -28.25
CA GLY D 133 -23.72 36.11 -27.43
C GLY D 133 -23.15 34.70 -27.35
N ILE D 134 -23.53 33.98 -26.29
CA ILE D 134 -23.04 32.63 -26.09
C ILE D 134 -24.16 31.61 -25.97
N VAL D 135 -23.90 30.39 -26.45
CA VAL D 135 -24.86 29.30 -26.34
C VAL D 135 -24.17 28.05 -25.77
N PRO D 136 -23.95 28.03 -24.45
CA PRO D 136 -23.34 26.84 -23.83
C PRO D 136 -24.35 25.70 -23.77
N ILE D 137 -23.89 24.48 -24.05
CA ILE D 137 -24.74 23.31 -24.03
C ILE D 137 -24.18 22.26 -23.08
N ASN D 138 -24.83 22.09 -21.94
CA ASN D 138 -24.35 21.21 -20.88
C ASN D 138 -22.91 21.56 -20.48
N ALA D 139 -22.66 22.86 -20.36
CA ALA D 139 -21.33 23.37 -20.00
C ALA D 139 -20.95 22.94 -18.58
N ALA D 140 -19.70 22.52 -18.42
CA ALA D 140 -19.21 22.07 -17.12
C ALA D 140 -18.41 23.15 -16.42
N VAL D 141 -18.81 23.48 -15.20
CA VAL D 141 -18.06 24.42 -14.36
C VAL D 141 -17.90 23.88 -12.94
N ASP D 142 -18.64 22.81 -12.64
CA ASP D 142 -18.58 22.20 -11.32
C ASP D 142 -19.02 20.75 -11.39
N ILE D 143 -18.05 19.83 -11.29
CA ILE D 143 -18.34 18.40 -11.29
C ILE D 143 -17.72 17.72 -10.08
N PRO D 144 -18.53 17.53 -9.02
CA PRO D 144 -18.09 16.96 -7.74
C PRO D 144 -17.44 15.59 -7.88
N ALA D 145 -17.91 14.79 -8.83
CA ALA D 145 -17.37 13.44 -9.05
C ALA D 145 -15.88 13.50 -9.39
N ILE D 146 -15.50 14.47 -10.22
CA ILE D 146 -14.10 14.69 -10.57
C ILE D 146 -13.32 15.09 -9.33
N ALA D 147 -13.85 16.06 -8.60
CA ALA D 147 -13.20 16.60 -7.41
C ALA D 147 -12.97 15.50 -6.39
N ALA D 148 -13.97 14.65 -6.20
CA ALA D 148 -13.86 13.53 -5.26
C ALA D 148 -12.80 12.54 -5.72
N GLY D 149 -12.69 12.38 -7.04
CA GLY D 149 -11.76 11.42 -7.62
C GLY D 149 -10.32 11.91 -7.67
N MET D 150 -10.13 13.22 -7.74
CA MET D 150 -8.80 13.79 -7.97
C MET D 150 -8.17 14.41 -6.72
N THR D 151 -8.97 14.66 -5.70
CA THR D 151 -8.47 15.37 -4.52
C THR D 151 -8.32 14.48 -3.29
N GLY D 152 -7.30 14.76 -2.48
CA GLY D 152 -7.07 14.01 -1.26
C GLY D 152 -5.68 13.38 -1.20
N GLY D 153 -5.01 13.34 -2.34
CA GLY D 153 -3.68 12.77 -2.42
C GLY D 153 -3.70 11.29 -2.75
N GLY D 154 -2.55 10.64 -2.59
CA GLY D 154 -2.44 9.21 -2.84
C GLY D 154 -2.18 8.89 -4.30
N GLU D 155 -1.99 7.61 -4.59
CA GLU D 155 -1.74 7.15 -5.96
C GLU D 155 -2.98 7.39 -6.82
N LEU D 156 -2.79 7.41 -8.13
CA LEU D 156 -3.88 7.68 -9.06
C LEU D 156 -3.70 6.84 -10.31
N PRO D 157 -4.79 6.25 -10.82
CA PRO D 157 -4.70 5.41 -12.02
C PRO D 157 -4.41 6.30 -13.23
N ARG D 158 -3.81 5.72 -14.27
CA ARG D 158 -3.44 6.50 -15.45
C ARG D 158 -4.63 6.76 -16.36
N TYR D 159 -5.49 5.75 -16.51
CA TYR D 159 -6.64 5.86 -17.40
C TYR D 159 -7.96 5.47 -16.74
N LEU D 160 -8.99 6.25 -17.02
CA LEU D 160 -10.36 5.90 -16.66
C LEU D 160 -11.02 5.30 -17.89
N ASP D 161 -12.16 4.64 -17.69
CA ASP D 161 -12.89 4.07 -18.82
C ASP D 161 -13.51 5.19 -19.67
N SER D 162 -14.00 4.84 -20.85
CA SER D 162 -14.59 5.83 -21.75
C SER D 162 -15.78 6.53 -21.11
N ILE D 163 -15.81 7.85 -21.20
CA ILE D 163 -16.89 8.65 -20.65
C ILE D 163 -17.91 8.99 -21.74
N GLY D 164 -17.57 8.65 -22.97
CA GLY D 164 -18.39 9.03 -24.11
C GLY D 164 -19.67 8.23 -24.30
N SER D 165 -20.45 8.63 -25.30
CA SER D 165 -21.66 7.93 -25.70
C SER D 165 -22.78 7.89 -24.64
N ASP D 166 -22.95 9.00 -23.94
CA ASP D 166 -24.13 9.16 -23.09
C ASP D 166 -25.24 9.73 -23.96
N LEU D 167 -25.94 8.85 -24.66
CA LEU D 167 -26.96 9.26 -25.62
C LEU D 167 -28.24 8.46 -25.43
N LYS D 168 -29.37 9.16 -25.53
CA LYS D 168 -30.67 8.52 -25.41
C LYS D 168 -31.00 7.77 -26.69
N ASN D 169 -30.74 8.43 -27.83
CA ASN D 169 -30.86 7.79 -29.13
C ASN D 169 -29.81 6.68 -29.25
N PRO D 170 -30.26 5.43 -29.41
CA PRO D 170 -29.34 4.29 -29.48
C PRO D 170 -28.76 4.07 -30.86
N ASP D 171 -29.20 4.86 -31.84
CA ASP D 171 -28.78 4.66 -33.22
C ASP D 171 -27.62 5.55 -33.63
N VAL D 172 -27.27 6.50 -32.76
CA VAL D 172 -26.13 7.36 -33.01
C VAL D 172 -25.03 7.09 -31.98
N LYS D 173 -23.78 7.33 -32.38
CA LYS D 173 -22.65 7.15 -31.48
C LYS D 173 -21.66 8.30 -31.58
N GLU D 174 -21.32 8.88 -30.44
CA GLU D 174 -20.29 9.91 -30.41
C GLU D 174 -18.92 9.27 -30.64
N LEU D 175 -18.05 9.96 -31.38
CA LEU D 175 -16.69 9.51 -31.55
C LEU D 175 -15.82 10.09 -30.44
N ALA D 176 -15.37 9.23 -29.54
CA ALA D 176 -14.57 9.68 -28.40
C ALA D 176 -13.50 8.65 -28.04
N TYR D 177 -12.48 9.11 -27.32
CA TYR D 177 -11.39 8.24 -26.87
C TYR D 177 -11.92 7.11 -25.99
N GLU D 178 -11.41 5.91 -26.22
CA GLU D 178 -11.84 4.74 -25.45
C GLU D 178 -11.37 4.82 -23.99
N LYS D 179 -10.35 5.64 -23.74
CA LYS D 179 -9.83 5.82 -22.40
C LYS D 179 -9.73 7.31 -22.08
N THR D 180 -9.84 7.64 -20.80
CA THR D 180 -9.76 9.02 -20.36
C THR D 180 -8.54 9.25 -19.49
N PRO D 181 -7.56 10.02 -20.01
CA PRO D 181 -6.32 10.33 -19.28
C PRO D 181 -6.62 11.08 -17.99
N THR D 182 -6.21 10.52 -16.87
CA THR D 182 -6.46 11.13 -15.57
C THR D 182 -5.73 12.45 -15.44
N ALA D 183 -4.57 12.55 -16.08
CA ALA D 183 -3.80 13.79 -16.09
C ALA D 183 -4.53 14.88 -16.88
N SER D 184 -5.43 14.46 -17.77
CA SER D 184 -6.23 15.40 -18.53
C SER D 184 -7.42 15.89 -17.72
N LEU D 185 -7.88 15.06 -16.78
CA LEU D 185 -8.96 15.44 -15.88
C LEU D 185 -8.49 16.55 -14.95
N LEU D 186 -7.20 16.54 -14.61
CA LEU D 186 -6.61 17.59 -13.80
C LEU D 186 -6.69 18.93 -14.52
N GLN D 187 -6.32 18.93 -15.79
CA GLN D 187 -6.36 20.12 -16.62
C GLN D 187 -7.79 20.64 -16.73
N LEU D 188 -8.73 19.73 -16.92
CA LEU D 188 -10.14 20.06 -17.01
C LEU D 188 -10.64 20.70 -15.72
N ALA D 189 -10.17 20.17 -14.59
CA ALA D 189 -10.56 20.68 -13.28
C ALA D 189 -10.04 22.10 -13.07
N ARG D 190 -8.87 22.39 -13.63
CA ARG D 190 -8.28 23.72 -13.53
C ARG D 190 -9.02 24.72 -14.41
N LEU D 191 -9.37 24.29 -15.62
CA LEU D 191 -10.12 25.11 -16.55
C LEU D 191 -11.49 25.46 -15.98
N MET D 192 -12.15 24.48 -15.39
CA MET D 192 -13.46 24.68 -14.79
C MET D 192 -13.40 25.65 -13.60
N ALA D 193 -12.33 25.54 -12.82
CA ALA D 193 -12.16 26.39 -11.64
C ALA D 193 -11.99 27.85 -12.01
N GLN D 194 -11.11 28.12 -12.97
CA GLN D 194 -10.85 29.49 -13.42
C GLN D 194 -12.08 30.08 -14.12
N THR D 195 -12.83 29.22 -14.79
CA THR D 195 -14.02 29.65 -15.52
C THR D 195 -15.16 29.99 -14.57
N LYS D 196 -15.41 29.12 -13.60
CA LYS D 196 -16.47 29.33 -12.63
C LYS D 196 -16.22 30.59 -11.80
N ALA D 197 -14.96 30.86 -11.51
CA ALA D 197 -14.59 31.98 -10.66
C ALA D 197 -14.76 33.34 -11.33
N LYS D 198 -14.86 33.35 -12.65
CA LYS D 198 -14.93 34.61 -13.40
C LYS D 198 -16.18 34.74 -14.26
N LEU D 199 -17.25 34.05 -13.87
CA LEU D 199 -18.50 34.09 -14.61
C LEU D 199 -19.13 35.49 -14.67
N ASP D 200 -18.86 36.30 -13.64
CA ASP D 200 -19.47 37.62 -13.51
C ASP D 200 -18.94 38.64 -14.53
N ARG D 201 -17.96 38.22 -15.33
CA ARG D 201 -17.36 39.10 -16.31
C ARG D 201 -18.01 38.91 -17.68
N ILE D 202 -18.97 37.99 -17.72
CA ILE D 202 -19.77 37.76 -18.92
C ILE D 202 -20.99 38.66 -18.89
N VAL D 203 -21.14 39.50 -19.90
CA VAL D 203 -22.25 40.45 -19.96
C VAL D 203 -23.06 40.29 -21.25
N CYS D 204 -22.58 39.45 -22.16
CA CYS D 204 -23.27 39.22 -23.43
C CYS D 204 -24.47 38.31 -23.21
N PRO D 205 -25.49 38.42 -24.08
CA PRO D 205 -26.67 37.55 -24.02
C PRO D 205 -26.31 36.08 -23.97
N ALA D 206 -26.98 35.31 -23.12
CA ALA D 206 -26.66 33.90 -22.95
C ALA D 206 -27.87 33.00 -23.12
N LEU D 207 -27.74 32.00 -24.00
CA LEU D 207 -28.76 30.98 -24.16
C LEU D 207 -28.20 29.65 -23.65
N ILE D 208 -28.68 29.23 -22.49
CA ILE D 208 -28.12 28.07 -21.80
C ILE D 208 -28.99 26.82 -21.95
N PHE D 209 -28.53 25.87 -22.76
CA PHE D 209 -29.20 24.58 -22.88
C PHE D 209 -28.68 23.62 -21.83
N VAL D 210 -29.57 22.79 -21.30
CA VAL D 210 -29.18 21.78 -20.32
C VAL D 210 -30.09 20.55 -20.37
N SER D 211 -29.48 19.38 -20.46
CA SER D 211 -30.24 18.14 -20.43
C SER D 211 -30.70 17.86 -19.01
N ASP D 212 -31.96 17.49 -18.86
CA ASP D 212 -32.53 17.23 -17.55
C ASP D 212 -31.99 15.94 -16.95
N GLU D 213 -31.55 15.03 -17.82
CA GLU D 213 -30.99 13.76 -17.38
C GLU D 213 -29.58 13.54 -17.92
N ASP D 214 -28.69 14.49 -17.64
CA ASP D 214 -27.29 14.38 -18.04
C ASP D 214 -26.55 13.51 -17.03
N HIS D 215 -25.87 12.48 -17.53
CA HIS D 215 -25.18 11.53 -16.67
C HIS D 215 -23.68 11.81 -16.62
N VAL D 216 -23.27 12.93 -17.20
CA VAL D 216 -21.86 13.31 -17.23
C VAL D 216 -21.64 14.64 -16.54
N VAL D 217 -22.37 15.66 -16.98
CA VAL D 217 -22.30 16.97 -16.36
C VAL D 217 -23.62 17.27 -15.64
N PRO D 218 -23.56 17.47 -14.31
CA PRO D 218 -24.75 17.73 -13.50
C PRO D 218 -25.57 18.90 -14.04
N PRO D 219 -26.87 18.68 -14.28
CA PRO D 219 -27.79 19.71 -14.79
C PRO D 219 -27.84 20.94 -13.89
N GLY D 220 -27.39 20.82 -12.65
CA GLY D 220 -27.34 21.94 -11.74
C GLY D 220 -26.32 22.99 -12.17
N ASN D 221 -25.40 22.59 -13.03
CA ASN D 221 -24.39 23.51 -13.56
C ASN D 221 -25.01 24.68 -14.31
N ALA D 222 -26.14 24.43 -14.97
CA ALA D 222 -26.85 25.47 -15.71
C ALA D 222 -27.30 26.60 -14.78
N ASP D 223 -27.71 26.21 -13.58
CA ASP D 223 -28.11 27.19 -12.56
C ASP D 223 -26.93 28.04 -12.15
N ILE D 224 -25.78 27.41 -11.94
CA ILE D 224 -24.56 28.11 -11.55
C ILE D 224 -24.15 29.14 -12.60
N ILE D 225 -24.27 28.76 -13.87
CA ILE D 225 -23.98 29.68 -14.96
C ILE D 225 -24.93 30.87 -14.92
N PHE D 226 -26.20 30.57 -14.71
CA PHE D 226 -27.26 31.57 -14.68
C PHE D 226 -27.02 32.62 -13.60
N GLN D 227 -26.68 32.15 -12.40
CA GLN D 227 -26.40 33.05 -11.27
C GLN D 227 -25.11 33.82 -11.50
N GLY D 228 -24.08 33.09 -11.94
CA GLY D 228 -22.73 33.63 -12.04
C GLY D 228 -22.56 34.79 -13.02
N ILE D 229 -23.15 34.66 -14.20
CA ILE D 229 -22.98 35.65 -15.25
C ILE D 229 -23.69 36.98 -14.95
N SER D 230 -23.15 38.06 -15.48
CA SER D 230 -23.71 39.39 -15.25
C SER D 230 -24.60 39.82 -16.42
N SER D 231 -24.89 38.86 -17.30
CA SER D 231 -25.70 39.12 -18.49
C SER D 231 -27.11 39.57 -18.12
N THR D 232 -27.62 40.57 -18.81
CA THR D 232 -28.98 41.06 -18.58
C THR D 232 -30.00 40.16 -19.27
N GLU D 233 -29.63 39.69 -20.46
CA GLU D 233 -30.50 38.79 -21.21
C GLU D 233 -29.97 37.36 -21.13
N LYS D 234 -30.66 36.53 -20.36
CA LYS D 234 -30.24 35.14 -20.16
C LYS D 234 -31.46 34.25 -19.95
N GLU D 235 -31.30 32.97 -20.28
CA GLU D 235 -32.37 31.99 -20.15
C GLU D 235 -31.86 30.57 -20.14
N ILE D 236 -32.53 29.70 -19.40
CA ILE D 236 -32.18 28.29 -19.35
C ILE D 236 -33.22 27.44 -20.04
N VAL D 237 -32.87 26.88 -21.20
CA VAL D 237 -33.75 25.96 -21.91
C VAL D 237 -33.39 24.53 -21.51
N ARG D 238 -34.33 23.85 -20.86
CA ARG D 238 -34.08 22.50 -20.37
C ARG D 238 -34.58 21.44 -21.34
N LEU D 239 -33.65 20.70 -21.92
CA LEU D 239 -33.97 19.65 -22.88
C LEU D 239 -34.43 18.40 -22.14
N ARG D 240 -35.51 17.79 -22.60
CA ARG D 240 -36.13 16.70 -21.87
C ARG D 240 -36.05 15.34 -22.57
N ASN D 241 -35.51 15.33 -23.78
CA ASN D 241 -35.38 14.08 -24.54
C ASN D 241 -33.93 13.77 -24.89
N SER D 242 -33.01 14.35 -24.15
CA SER D 242 -31.59 14.18 -24.43
C SER D 242 -30.76 13.86 -23.19
N TYR D 243 -29.70 13.09 -23.39
CA TYR D 243 -28.71 12.91 -22.35
C TYR D 243 -27.62 13.95 -22.56
N HIS D 244 -26.37 13.57 -22.34
CA HIS D 244 -25.29 14.55 -22.40
C HIS D 244 -25.06 15.16 -23.78
N VAL D 245 -24.70 14.32 -24.76
CA VAL D 245 -24.42 14.80 -26.11
C VAL D 245 -25.71 15.20 -26.82
N ALA D 246 -26.31 16.31 -26.36
CA ALA D 246 -27.59 16.77 -26.87
C ALA D 246 -27.55 17.18 -28.33
N THR D 247 -26.35 17.54 -28.81
CA THR D 247 -26.18 17.98 -30.18
C THR D 247 -26.31 16.83 -31.18
N LEU D 248 -26.28 15.61 -30.67
CA LEU D 248 -26.46 14.42 -31.50
C LEU D 248 -27.71 13.66 -31.09
N ASP D 249 -28.32 14.09 -29.99
CA ASP D 249 -29.49 13.40 -29.45
C ASP D 249 -30.79 13.89 -30.08
N TYR D 250 -31.91 13.54 -29.45
CA TYR D 250 -33.23 13.85 -29.99
C TYR D 250 -33.54 15.33 -30.06
N ASP D 251 -32.90 16.12 -29.19
CA ASP D 251 -33.20 17.55 -29.12
C ASP D 251 -32.31 18.39 -30.02
N GLN D 252 -31.60 17.75 -30.94
CA GLN D 252 -30.79 18.45 -31.94
C GLN D 252 -31.58 19.51 -32.75
N PRO D 253 -32.79 19.16 -33.24
CA PRO D 253 -33.54 20.19 -33.97
C PRO D 253 -33.91 21.40 -33.11
N MET D 254 -34.20 21.18 -31.84
CA MET D 254 -34.53 22.28 -30.95
C MET D 254 -33.31 23.17 -30.72
N ILE D 255 -32.15 22.55 -30.47
CA ILE D 255 -30.92 23.29 -30.28
C ILE D 255 -30.63 24.18 -31.48
N ILE D 256 -30.73 23.60 -32.68
CA ILE D 256 -30.49 24.33 -33.92
C ILE D 256 -31.49 25.47 -34.10
N GLU D 257 -32.77 25.16 -33.92
CA GLU D 257 -33.84 26.14 -34.14
C GLU D 257 -33.72 27.33 -33.20
N ARG D 258 -33.59 27.05 -31.90
CA ARG D 258 -33.54 28.12 -30.91
C ARG D 258 -32.25 28.94 -31.00
N SER D 259 -31.17 28.32 -31.47
CA SER D 259 -29.91 29.02 -31.64
C SER D 259 -30.00 30.01 -32.81
N LEU D 260 -30.66 29.60 -33.89
CA LEU D 260 -30.83 30.45 -35.06
C LEU D 260 -31.66 31.68 -34.73
N GLU D 261 -32.70 31.50 -33.92
CA GLU D 261 -33.50 32.64 -33.45
C GLU D 261 -32.64 33.55 -32.59
N PHE D 262 -31.83 32.92 -31.72
CA PHE D 262 -30.93 33.64 -30.82
C PHE D 262 -29.94 34.50 -31.61
N PHE D 263 -29.32 33.89 -32.62
CA PHE D 263 -28.35 34.58 -33.46
C PHE D 263 -29.00 35.76 -34.19
N ALA D 264 -30.15 35.50 -34.80
CA ALA D 264 -30.84 36.49 -35.61
C ALA D 264 -31.31 37.69 -34.79
N LYS D 265 -31.66 37.44 -33.53
CA LYS D 265 -32.18 38.51 -32.67
C LYS D 265 -31.09 39.50 -32.26
N HIS D 266 -29.90 38.99 -31.96
CA HIS D 266 -28.84 39.83 -31.42
C HIS D 266 -27.85 40.34 -32.47
N ALA D 267 -27.85 39.74 -33.65
CA ALA D 267 -26.99 40.18 -34.73
C ALA D 267 -27.53 41.46 -35.38
#